data_6R6U
#
_entry.id   6R6U
#
_cell.length_a   102.010
_cell.length_b   109.980
_cell.length_c   74.974
_cell.angle_alpha   90.000
_cell.angle_beta   90.000
_cell.angle_gamma   90.000
#
_symmetry.space_group_name_H-M   'P 21 21 2'
#
loop_
_entity.id
_entity.type
_entity.pdbx_description
1 polymer 'Cis-aconitate decarboxylase'
2 non-polymer (R,R)-2,3-BUTANEDIOL
3 non-polymer 'SODIUM ION'
4 water water
#
_entity_poly.entity_id   1
_entity_poly.type   'polypeptide(L)'
_entity_poly.pdbx_seq_one_letter_code
;GGGRKSITESFATAIHGLKVGHLTDRVIQRSKRMILDTLGAGFLGTTTEVFHIASQYSKIYSSNISSTVWGQPDIRLPPT
YAAFVNGVAIHSMDFDDTWHPATHPSGAVLPVLTALAEALPRSPKFSGLDLLLAFNVGIEVQGRLLHFAKEANDMPKRFH
PPSVVGTLGSAAAASKFLGLSSTKCREALAIAVSHAGAPMANAATQTKPLHIGNAAKHGIEAAFLAMLGLQGNKQVLDLE
AGFGAFYANYSPKVLPSIASYSWLLDQQDVAFKRFPAHLSTHWVADAAASVRKHLVAERALLPTDYIKRIVLRIPNVQYV
NRPFPVSEHEARHSFQYVACAMLLDGGITVPSFHE(CSD)QINRPQVRELLSKVELEYPPDNLPSFNILYCEISVTLKDG
ATFTDRSDTFYGHWRKPLSQEDLEEKFRANASKMLSWDTVESLIKIVKNLEDLEDCSVLTTLLKGP
;
_entity_poly.pdbx_strand_id   A,B
#
# COMPACT_ATOMS: atom_id res chain seq x y z
N LYS A 5 11.85 11.12 24.57
CA LYS A 5 10.90 10.37 23.76
C LYS A 5 11.12 10.63 22.28
N SER A 6 10.74 9.68 21.46
CA SER A 6 10.83 9.81 20.02
C SER A 6 9.60 10.52 19.46
N ILE A 7 9.70 10.95 18.20
CA ILE A 7 8.55 11.50 17.51
C ILE A 7 7.43 10.47 17.44
N THR A 8 7.77 9.22 17.14
CA THR A 8 6.76 8.17 17.05
C THR A 8 6.05 8.00 18.38
N GLU A 9 6.81 7.98 19.48
CA GLU A 9 6.21 7.83 20.80
C GLU A 9 5.28 8.99 21.12
N SER A 10 5.67 10.21 20.71
CA SER A 10 4.84 11.37 21.02
C SER A 10 3.47 11.27 20.34
N PHE A 11 3.41 10.69 19.15
CA PHE A 11 2.11 10.44 18.51
C PHE A 11 1.30 9.43 19.30
N ALA A 12 1.92 8.31 19.68
CA ALA A 12 1.19 7.27 20.40
C ALA A 12 0.67 7.79 21.73
N THR A 13 1.50 8.56 22.44
CA THR A 13 1.08 9.16 23.71
C THR A 13 -0.15 10.05 23.52
N ALA A 14 -0.15 10.87 22.47
CA ALA A 14 -1.28 11.78 22.25
C ALA A 14 -2.53 11.02 21.85
N ILE A 15 -2.41 10.05 20.94
CA ILE A 15 -3.57 9.28 20.51
C ILE A 15 -4.24 8.64 21.72
N HIS A 16 -3.43 8.00 22.57
CA HIS A 16 -3.99 7.30 23.72
C HIS A 16 -4.48 8.26 24.80
N GLY A 17 -3.76 9.37 24.98
CA GLY A 17 -3.95 10.22 26.13
C GLY A 17 -4.98 11.33 25.99
N LEU A 18 -5.34 11.70 24.76
CA LEU A 18 -6.30 12.78 24.55
C LEU A 18 -7.69 12.34 25.00
N LYS A 19 -8.41 13.26 25.64
CA LYS A 19 -9.70 12.98 26.25
C LYS A 19 -10.71 14.00 25.77
N VAL A 20 -11.99 13.74 26.05
CA VAL A 20 -13.04 14.64 25.58
C VAL A 20 -12.79 16.05 26.12
N GLY A 21 -12.29 16.14 27.37
CA GLY A 21 -12.01 17.44 27.95
C GLY A 21 -11.00 18.27 27.20
N HIS A 22 -10.19 17.64 26.34
CA HIS A 22 -9.23 18.37 25.53
C HIS A 22 -9.87 19.05 24.33
N LEU A 23 -11.09 18.66 23.95
CA LEU A 23 -11.75 19.26 22.81
C LEU A 23 -12.12 20.70 23.12
N THR A 24 -11.99 21.56 22.12
CA THR A 24 -12.39 22.96 22.22
C THR A 24 -13.72 23.17 21.51
N ASP A 25 -14.39 24.27 21.84
CA ASP A 25 -15.63 24.60 21.15
C ASP A 25 -15.40 24.71 19.66
N ARG A 26 -14.29 25.34 19.25
CA ARG A 26 -14.07 25.56 17.82
C ARG A 26 -13.80 24.25 17.10
N VAL A 27 -13.07 23.31 17.71
CA VAL A 27 -12.80 22.08 16.97
C VAL A 27 -14.10 21.27 16.85
N ILE A 28 -14.97 21.35 17.85
CA ILE A 28 -16.26 20.67 17.75
C ILE A 28 -17.09 21.30 16.64
N GLN A 29 -17.15 22.64 16.59
CA GLN A 29 -17.91 23.31 15.55
C GLN A 29 -17.41 22.94 14.16
N ARG A 30 -16.09 22.95 13.96
CA ARG A 30 -15.54 22.72 12.63
C ARG A 30 -15.69 21.24 12.23
N SER A 31 -15.49 20.33 13.18
CA SER A 31 -15.60 18.91 12.85
C SER A 31 -17.05 18.49 12.61
N LYS A 32 -18.02 19.11 13.30
CA LYS A 32 -19.42 18.82 12.99
C LYS A 32 -19.75 19.21 11.56
N ARG A 33 -19.19 20.32 11.07
CA ARG A 33 -19.35 20.68 9.67
C ARG A 33 -18.72 19.65 8.75
N MET A 34 -17.50 19.21 9.08
CA MET A 34 -16.82 18.21 8.27
C MET A 34 -17.59 16.91 8.23
N ILE A 35 -18.16 16.50 9.37
CA ILE A 35 -18.90 15.25 9.41
C ILE A 35 -20.13 15.33 8.51
N LEU A 36 -20.89 16.41 8.62
CA LEU A 36 -22.08 16.54 7.76
C LEU A 36 -21.71 16.57 6.29
N ASP A 37 -20.72 17.39 5.92
CA ASP A 37 -20.34 17.50 4.52
C ASP A 37 -19.89 16.15 3.98
N THR A 38 -19.15 15.39 4.79
CA THR A 38 -18.60 14.11 4.36
C THR A 38 -19.69 13.06 4.22
N LEU A 39 -20.67 13.05 5.14
CA LEU A 39 -21.83 12.18 4.98
C LEU A 39 -22.51 12.44 3.63
N GLY A 40 -22.72 13.72 3.31
CA GLY A 40 -23.38 14.06 2.06
C GLY A 40 -22.59 13.62 0.84
N ALA A 41 -21.28 13.86 0.84
CA ALA A 41 -20.44 13.37 -0.24
C ALA A 41 -20.59 11.86 -0.40
N GLY A 42 -20.58 11.13 0.72
CA GLY A 42 -20.73 9.68 0.66
C GLY A 42 -22.08 9.26 0.11
N PHE A 43 -23.16 9.85 0.63
CA PHE A 43 -24.49 9.48 0.14
C PHE A 43 -24.60 9.72 -1.37
N LEU A 44 -24.13 10.87 -1.85
CA LEU A 44 -24.18 11.12 -3.28
C LEU A 44 -23.28 10.14 -4.03
N GLY A 45 -22.14 9.80 -3.43
CA GLY A 45 -21.21 8.88 -4.06
C GLY A 45 -21.72 7.46 -4.19
N THR A 46 -22.76 7.09 -3.45
CA THR A 46 -23.30 5.74 -3.62
C THR A 46 -24.07 5.60 -4.94
N THR A 47 -24.15 6.66 -5.76
CA THR A 47 -24.73 6.53 -7.09
C THR A 47 -23.69 6.24 -8.17
N THR A 48 -22.40 6.14 -7.82
CA THR A 48 -21.34 6.07 -8.82
C THR A 48 -20.93 4.64 -9.13
N GLU A 49 -20.42 4.44 -10.35
CA GLU A 49 -19.99 3.12 -10.77
C GLU A 49 -18.84 2.60 -9.92
N VAL A 50 -17.90 3.47 -9.53
CA VAL A 50 -16.78 3.02 -8.71
C VAL A 50 -17.28 2.51 -7.36
N PHE A 51 -18.27 3.17 -6.77
CA PHE A 51 -18.86 2.65 -5.55
C PHE A 51 -19.49 1.28 -5.79
N HIS A 52 -20.22 1.14 -6.89
CA HIS A 52 -20.86 -0.13 -7.19
C HIS A 52 -19.85 -1.24 -7.41
N ILE A 53 -18.71 -0.93 -8.05
CA ILE A 53 -17.66 -1.92 -8.22
C ILE A 53 -17.06 -2.29 -6.87
N ALA A 54 -16.73 -1.30 -6.05
CA ALA A 54 -16.18 -1.57 -4.72
C ALA A 54 -17.15 -2.41 -3.89
N SER A 55 -18.45 -2.12 -4.00
CA SER A 55 -19.46 -2.88 -3.27
C SER A 55 -19.56 -4.31 -3.78
N GLN A 56 -19.56 -4.51 -5.10
CA GLN A 56 -19.64 -5.85 -5.66
CA GLN A 56 -19.64 -5.85 -5.64
C GLN A 56 -18.45 -6.69 -5.21
N TYR A 57 -17.25 -6.10 -5.26
CA TYR A 57 -16.06 -6.80 -4.77
C TYR A 57 -16.21 -7.15 -3.30
N SER A 58 -16.62 -6.18 -2.48
CA SER A 58 -16.63 -6.37 -1.04
C SER A 58 -17.69 -7.36 -0.57
N LYS A 59 -18.79 -7.50 -1.33
CA LYS A 59 -19.90 -8.34 -0.90
C LYS A 59 -19.48 -9.79 -0.71
N ILE A 60 -18.35 -10.22 -1.27
CA ILE A 60 -17.92 -11.60 -1.10
C ILE A 60 -17.46 -11.91 0.32
N TYR A 61 -17.23 -10.87 1.14
CA TYR A 61 -16.73 -11.05 2.50
C TYR A 61 -17.86 -10.99 3.51
N SER A 62 -17.94 -12.04 4.34
CA SER A 62 -18.85 -12.09 5.47
C SER A 62 -18.05 -12.16 6.77
N SER A 63 -18.65 -11.67 7.85
CA SER A 63 -18.02 -11.71 9.15
C SER A 63 -19.12 -11.79 10.22
N ASN A 64 -18.72 -12.20 11.42
CA ASN A 64 -19.67 -12.27 12.53
C ASN A 64 -20.06 -10.88 13.04
N ILE A 65 -19.28 -9.85 12.72
CA ILE A 65 -19.67 -8.47 13.02
C ILE A 65 -19.86 -7.75 11.69
N SER A 66 -20.76 -6.76 11.68
CA SER A 66 -21.11 -6.13 10.43
C SER A 66 -21.48 -4.67 10.65
N SER A 67 -21.30 -3.87 9.61
CA SER A 67 -21.74 -2.49 9.63
CA SER A 67 -21.72 -2.48 9.62
C SER A 67 -22.40 -2.17 8.30
N THR A 68 -23.01 -0.99 8.26
CA THR A 68 -23.88 -0.56 7.18
C THR A 68 -23.13 0.09 6.04
N VAL A 69 -23.56 -0.20 4.82
CA VAL A 69 -23.18 0.58 3.66
C VAL A 69 -24.18 1.71 3.53
N TRP A 70 -23.68 2.95 3.47
CA TRP A 70 -24.56 4.10 3.63
C TRP A 70 -25.63 4.14 2.55
N GLY A 71 -26.88 4.32 2.97
CA GLY A 71 -27.99 4.36 2.05
C GLY A 71 -28.34 3.04 1.41
N GLN A 72 -27.70 1.95 1.80
CA GLN A 72 -27.93 0.62 1.21
C GLN A 72 -28.30 -0.36 2.33
N PRO A 73 -29.57 -0.38 2.75
CA PRO A 73 -29.98 -1.36 3.76
C PRO A 73 -29.84 -2.80 3.30
N ASP A 74 -29.68 -3.06 2.00
CA ASP A 74 -29.54 -4.42 1.49
C ASP A 74 -28.12 -4.96 1.58
N ILE A 75 -27.16 -4.19 2.09
CA ILE A 75 -25.75 -4.55 2.04
C ILE A 75 -25.12 -4.30 3.40
N ARG A 76 -24.69 -5.38 4.06
CA ARG A 76 -23.92 -5.28 5.29
C ARG A 76 -22.59 -6.00 5.14
N LEU A 77 -21.54 -5.39 5.65
CA LEU A 77 -20.17 -5.82 5.43
C LEU A 77 -19.39 -5.85 6.74
N PRO A 78 -18.31 -6.62 6.80
CA PRO A 78 -17.33 -6.45 7.88
C PRO A 78 -16.91 -4.99 7.97
N PRO A 79 -16.61 -4.48 9.16
CA PRO A 79 -16.35 -3.04 9.29
C PRO A 79 -15.22 -2.56 8.41
N THR A 80 -14.19 -3.39 8.18
CA THR A 80 -13.11 -2.99 7.30
C THR A 80 -13.62 -2.70 5.89
N TYR A 81 -14.46 -3.59 5.34
CA TYR A 81 -15.00 -3.42 4.00
C TYR A 81 -16.12 -2.39 3.94
N ALA A 82 -16.88 -2.21 5.03
CA ALA A 82 -17.82 -1.11 5.06
C ALA A 82 -17.10 0.23 4.99
N ALA A 83 -16.02 0.39 5.77
CA ALA A 83 -15.25 1.63 5.72
C ALA A 83 -14.65 1.83 4.33
N PHE A 84 -14.19 0.75 3.70
CA PHE A 84 -13.67 0.80 2.34
C PHE A 84 -14.71 1.33 1.36
N VAL A 85 -15.89 0.73 1.34
CA VAL A 85 -16.87 1.10 0.32
CA VAL A 85 -16.88 1.10 0.33
C VAL A 85 -17.43 2.50 0.61
N ASN A 86 -17.69 2.83 1.88
CA ASN A 86 -18.20 4.15 2.16
C ASN A 86 -17.14 5.21 1.89
N GLY A 87 -15.87 4.89 2.15
CA GLY A 87 -14.80 5.81 1.79
C GLY A 87 -14.67 6.01 0.29
N VAL A 88 -14.80 4.93 -0.48
CA VAL A 88 -14.85 5.07 -1.93
C VAL A 88 -15.98 6.02 -2.33
N ALA A 89 -17.16 5.83 -1.74
CA ALA A 89 -18.28 6.71 -2.05
C ALA A 89 -17.94 8.17 -1.74
N ILE A 90 -17.33 8.43 -0.57
CA ILE A 90 -16.99 9.79 -0.17
C ILE A 90 -16.09 10.47 -1.20
N HIS A 91 -15.08 9.77 -1.70
CA HIS A 91 -14.08 10.34 -2.61
C HIS A 91 -14.39 10.06 -4.08
N SER A 92 -15.53 9.42 -4.37
CA SER A 92 -15.82 8.93 -5.72
C SER A 92 -15.92 10.05 -6.76
N MET A 93 -16.30 11.25 -6.32
CA MET A 93 -16.57 12.35 -7.24
C MET A 93 -15.68 13.56 -6.93
N ASP A 94 -14.63 13.36 -6.14
CA ASP A 94 -13.75 14.44 -5.71
C ASP A 94 -14.55 15.60 -5.11
N PHE A 95 -15.57 15.27 -4.33
CA PHE A 95 -16.48 16.26 -3.74
C PHE A 95 -16.24 16.48 -2.25
N ASP A 96 -15.31 15.73 -1.63
CA ASP A 96 -15.15 15.73 -0.18
C ASP A 96 -14.21 16.86 0.27
N ASP A 97 -14.06 17.02 1.58
CA ASP A 97 -13.41 18.22 2.11
C ASP A 97 -11.90 18.19 1.85
N THR A 98 -11.30 19.37 1.95
CA THR A 98 -9.90 19.59 1.61
C THR A 98 -9.27 20.51 2.64
N TRP A 99 -8.08 20.15 3.08
CA TRP A 99 -7.40 20.86 4.16
C TRP A 99 -6.16 21.58 3.63
N HIS A 100 -5.46 22.24 4.55
CA HIS A 100 -4.12 22.76 4.35
C HIS A 100 -3.28 22.25 5.52
N PRO A 101 -2.10 21.65 5.28
CA PRO A 101 -1.54 21.31 3.96
C PRO A 101 -2.46 20.35 3.19
N ALA A 102 -2.17 20.07 1.93
CA ALA A 102 -3.18 19.55 1.02
C ALA A 102 -3.48 18.07 1.27
N THR A 103 -4.71 17.79 1.70
CA THR A 103 -5.24 16.43 1.68
C THR A 103 -6.74 16.50 1.80
N HIS A 104 -7.38 15.34 1.79
CA HIS A 104 -8.80 15.20 2.05
C HIS A 104 -8.96 14.43 3.35
N PRO A 105 -9.17 15.11 4.48
CA PRO A 105 -8.96 14.45 5.78
C PRO A 105 -10.14 13.63 6.29
N SER A 106 -11.37 14.11 6.10
CA SER A 106 -12.50 13.48 6.76
C SER A 106 -12.84 12.11 6.15
N GLY A 107 -12.64 11.93 4.85
CA GLY A 107 -13.03 10.69 4.21
C GLY A 107 -12.25 9.49 4.73
N ALA A 108 -11.04 9.71 5.21
CA ALA A 108 -10.21 8.64 5.75
C ALA A 108 -10.62 8.24 7.16
N VAL A 109 -11.45 9.02 7.84
CA VAL A 109 -11.70 8.89 9.27
C VAL A 109 -13.16 8.60 9.57
N LEU A 110 -14.07 9.38 8.98
CA LEU A 110 -15.48 9.23 9.34
C LEU A 110 -15.99 7.81 9.10
N PRO A 111 -15.80 7.20 7.92
CA PRO A 111 -16.37 5.85 7.70
C PRO A 111 -15.74 4.76 8.56
N VAL A 112 -14.51 4.99 9.03
CA VAL A 112 -13.89 4.10 10.00
C VAL A 112 -14.71 4.08 11.29
N LEU A 113 -15.02 5.25 11.80
CA LEU A 113 -15.67 5.35 13.10
C LEU A 113 -17.14 4.96 13.02
N THR A 114 -17.84 5.30 11.93
CA THR A 114 -19.22 4.85 11.83
C THR A 114 -19.28 3.33 11.70
N ALA A 115 -18.34 2.73 10.97
CA ALA A 115 -18.34 1.28 10.82
C ALA A 115 -18.06 0.59 12.15
N LEU A 116 -17.03 1.05 12.87
CA LEU A 116 -16.68 0.39 14.13
C LEU A 116 -17.77 0.60 15.17
N ALA A 117 -18.36 1.80 15.23
CA ALA A 117 -19.39 2.07 16.22
C ALA A 117 -20.57 1.12 16.07
N GLU A 118 -20.92 0.80 14.82
CA GLU A 118 -22.06 -0.09 14.59
C GLU A 118 -21.67 -1.56 14.78
N ALA A 119 -20.47 -1.94 14.35
CA ALA A 119 -20.07 -3.34 14.37
C ALA A 119 -19.71 -3.81 15.78
N LEU A 120 -19.21 -2.90 16.62
CA LEU A 120 -18.72 -3.24 17.96
C LEU A 120 -19.40 -2.34 18.97
N PRO A 121 -20.68 -2.58 19.26
CA PRO A 121 -21.37 -1.73 20.25
C PRO A 121 -20.69 -1.79 21.60
N ARG A 122 -20.59 -0.63 22.25
CA ARG A 122 -19.89 -0.52 23.50
C ARG A 122 -20.88 -0.34 24.65
N SER A 123 -20.42 -0.69 25.84
CA SER A 123 -21.11 -0.36 27.07
C SER A 123 -20.09 0.10 28.09
N PRO A 124 -20.16 1.35 28.58
CA PRO A 124 -21.13 2.39 28.23
C PRO A 124 -21.17 2.72 26.73
N LYS A 125 -22.28 3.29 26.28
CA LYS A 125 -22.48 3.55 24.87
C LYS A 125 -21.43 4.53 24.35
N PHE A 126 -21.11 4.39 23.07
CA PHE A 126 -20.26 5.32 22.35
C PHE A 126 -21.05 6.59 22.04
N SER A 127 -20.72 7.68 22.72
CA SER A 127 -21.48 8.92 22.64
C SER A 127 -21.04 9.78 21.46
N GLY A 128 -21.82 10.82 21.17
CA GLY A 128 -21.41 11.79 20.19
C GLY A 128 -20.09 12.45 20.53
N LEU A 129 -19.87 12.71 21.82
CA LEU A 129 -18.59 13.27 22.26
C LEU A 129 -17.45 12.28 22.05
N ASP A 130 -17.69 10.98 22.32
CA ASP A 130 -16.67 9.98 22.03
C ASP A 130 -16.36 9.97 20.53
N LEU A 131 -17.38 10.07 19.70
CA LEU A 131 -17.18 10.12 18.26
C LEU A 131 -16.38 11.35 17.88
N LEU A 132 -16.74 12.51 18.44
CA LEU A 132 -16.02 13.73 18.12
C LEU A 132 -14.56 13.64 18.53
N LEU A 133 -14.27 13.01 19.67
CA LEU A 133 -12.90 12.88 20.10
C LEU A 133 -12.10 11.99 19.15
N ALA A 134 -12.62 10.80 18.85
CA ALA A 134 -11.87 9.90 17.96
C ALA A 134 -11.75 10.48 16.56
N PHE A 135 -12.80 11.16 16.09
CA PHE A 135 -12.72 11.82 14.78
C PHE A 135 -11.64 12.88 14.77
N ASN A 136 -11.60 13.72 15.80
CA ASN A 136 -10.63 14.82 15.81
C ASN A 136 -9.21 14.32 16.05
N VAL A 137 -9.04 13.19 16.74
CA VAL A 137 -7.71 12.59 16.84
C VAL A 137 -7.24 12.14 15.46
N GLY A 138 -8.14 11.53 14.68
CA GLY A 138 -7.76 11.10 13.35
C GLY A 138 -7.39 12.26 12.44
N ILE A 139 -8.16 13.36 12.52
CA ILE A 139 -7.85 14.56 11.76
C ILE A 139 -6.52 15.14 12.19
N GLU A 140 -6.33 15.29 13.50
CA GLU A 140 -5.12 15.89 14.06
C GLU A 140 -3.88 15.14 13.62
N VAL A 141 -3.91 13.80 13.68
CA VAL A 141 -2.74 13.02 13.31
C VAL A 141 -2.37 13.31 11.87
N GLN A 142 -3.36 13.37 10.97
CA GLN A 142 -3.08 13.68 9.58
C GLN A 142 -2.40 15.03 9.44
N GLY A 143 -2.94 16.05 10.11
CA GLY A 143 -2.38 17.39 9.97
C GLY A 143 -0.95 17.46 10.44
N ARG A 144 -0.65 16.82 11.56
CA ARG A 144 0.72 16.85 12.07
C ARG A 144 1.68 16.14 11.10
N LEU A 145 1.22 15.04 10.49
CA LEU A 145 2.06 14.34 9.53
C LEU A 145 2.30 15.18 8.27
N LEU A 146 1.27 15.90 7.81
CA LEU A 146 1.46 16.78 6.65
C LEU A 146 2.53 17.83 6.92
N HIS A 147 2.58 18.34 8.15
CA HIS A 147 3.58 19.35 8.50
C HIS A 147 4.97 18.77 8.66
N PHE A 148 5.16 17.47 8.44
CA PHE A 148 6.51 16.94 8.42
C PHE A 148 7.28 17.33 7.17
N ALA A 149 6.66 18.05 6.23
CA ALA A 149 7.39 18.56 5.09
C ALA A 149 6.76 19.83 4.57
N LYS A 150 7.62 20.82 4.26
CA LYS A 150 7.13 22.02 3.58
C LYS A 150 6.41 21.67 2.29
N GLU A 151 6.85 20.60 1.62
CA GLU A 151 6.31 20.25 0.32
C GLU A 151 4.84 19.85 0.38
N ALA A 152 4.35 19.43 1.54
CA ALA A 152 2.93 19.08 1.66
C ALA A 152 2.04 20.31 1.61
N ASN A 153 2.61 21.50 1.82
CA ASN A 153 1.85 22.74 1.62
C ASN A 153 1.52 22.97 0.16
N ASP A 154 2.26 22.36 -0.76
CA ASP A 154 2.05 22.51 -2.19
C ASP A 154 1.40 21.25 -2.76
N MET A 155 1.00 21.34 -4.02
CA MET A 155 0.34 20.20 -4.64
C MET A 155 1.31 19.02 -4.70
N PRO A 156 0.84 17.79 -4.53
CA PRO A 156 1.73 16.64 -4.51
C PRO A 156 2.33 16.34 -5.88
N LYS A 157 3.54 15.79 -5.86
CA LYS A 157 4.22 15.41 -7.09
C LYS A 157 4.49 13.92 -7.22
N ARG A 158 4.47 13.15 -6.14
CA ARG A 158 4.78 11.73 -6.27
C ARG A 158 3.74 10.82 -5.63
N PHE A 159 3.38 11.09 -4.38
CA PHE A 159 2.42 10.27 -3.64
C PHE A 159 1.17 11.08 -3.32
N HIS A 160 0.01 10.44 -3.40
CA HIS A 160 -1.25 11.12 -3.16
C HIS A 160 -1.48 11.23 -1.65
N PRO A 161 -1.59 12.45 -1.09
CA PRO A 161 -1.49 12.61 0.37
C PRO A 161 -2.51 11.79 1.15
N PRO A 162 -3.77 11.69 0.70
CA PRO A 162 -4.71 10.84 1.45
C PRO A 162 -4.20 9.43 1.70
N SER A 163 -3.49 8.85 0.73
CA SER A 163 -2.98 7.49 0.87
C SER A 163 -1.84 7.41 1.89
N VAL A 164 -1.19 8.54 2.18
CA VAL A 164 -0.03 8.60 3.06
C VAL A 164 -0.51 8.97 4.46
N VAL A 165 -1.02 10.20 4.64
CA VAL A 165 -1.42 10.60 5.98
C VAL A 165 -2.80 10.07 6.36
N GLY A 166 -3.70 9.89 5.38
CA GLY A 166 -5.02 9.35 5.69
C GLY A 166 -4.96 7.95 6.28
N THR A 167 -4.06 7.12 5.78
CA THR A 167 -3.95 5.75 6.31
C THR A 167 -3.59 5.78 7.79
N LEU A 168 -2.67 6.66 8.20
CA LEU A 168 -2.32 6.73 9.61
C LEU A 168 -3.39 7.44 10.42
N GLY A 169 -4.11 8.41 9.84
CA GLY A 169 -5.22 9.00 10.56
C GLY A 169 -6.32 7.99 10.86
N SER A 170 -6.63 7.14 9.89
CA SER A 170 -7.55 6.03 10.13
C SER A 170 -7.04 5.12 11.25
N ALA A 171 -5.77 4.72 11.16
CA ALA A 171 -5.21 3.86 12.20
C ALA A 171 -5.35 4.51 13.57
N ALA A 172 -5.10 5.83 13.65
CA ALA A 172 -5.22 6.52 14.93
C ALA A 172 -6.66 6.54 15.42
N ALA A 173 -7.61 6.82 14.52
CA ALA A 173 -9.01 6.88 14.91
C ALA A 173 -9.51 5.52 15.37
N ALA A 174 -9.13 4.46 14.65
CA ALA A 174 -9.51 3.11 15.03
C ALA A 174 -8.86 2.71 16.36
N SER A 175 -7.59 3.07 16.55
CA SER A 175 -6.92 2.80 17.82
C SER A 175 -7.63 3.51 18.97
N LYS A 176 -8.12 4.72 18.73
CA LYS A 176 -8.85 5.45 19.76
C LYS A 176 -10.18 4.77 20.07
N PHE A 177 -10.93 4.39 19.03
CA PHE A 177 -12.18 3.70 19.24
C PHE A 177 -11.97 2.42 20.06
N LEU A 178 -10.93 1.67 19.73
CA LEU A 178 -10.71 0.36 20.34
C LEU A 178 -10.09 0.47 21.73
N GLY A 179 -9.72 1.66 22.17
CA GLY A 179 -9.13 1.82 23.49
C GLY A 179 -7.77 1.19 23.63
N LEU A 180 -6.99 1.14 22.55
CA LEU A 180 -5.69 0.50 22.61
C LEU A 180 -4.74 1.25 23.55
N SER A 181 -3.84 0.49 24.18
CA SER A 181 -2.77 1.07 24.97
C SER A 181 -1.89 1.97 24.12
N SER A 182 -1.13 2.85 24.77
CA SER A 182 -0.22 3.71 24.00
C SER A 182 0.75 2.86 23.18
N THR A 183 1.22 1.73 23.75
CA THR A 183 2.13 0.88 23.00
C THR A 183 1.46 0.33 21.75
N LYS A 184 0.21 -0.12 21.87
CA LYS A 184 -0.47 -0.68 20.71
C LYS A 184 -0.89 0.42 19.74
N CYS A 185 -1.13 1.65 20.22
CA CYS A 185 -1.33 2.76 19.29
C CYS A 185 -0.08 2.99 18.45
N ARG A 186 1.09 2.88 19.08
CA ARG A 186 2.36 3.03 18.35
C ARG A 186 2.49 1.94 17.30
N GLU A 187 2.21 0.69 17.69
CA GLU A 187 2.32 -0.41 16.73
C GLU A 187 1.34 -0.23 15.58
N ALA A 188 0.12 0.23 15.87
CA ALA A 188 -0.85 0.49 14.81
C ALA A 188 -0.31 1.46 13.78
N LEU A 189 0.34 2.54 14.23
CA LEU A 189 0.96 3.47 13.29
C LEU A 189 2.04 2.78 12.46
N ALA A 190 2.90 2.00 13.12
CA ALA A 190 3.99 1.34 12.40
C ALA A 190 3.46 0.36 11.36
N ILE A 191 2.44 -0.41 11.71
CA ILE A 191 1.83 -1.33 10.76
C ILE A 191 1.17 -0.57 9.63
N ALA A 192 0.52 0.55 9.96
CA ALA A 192 -0.14 1.34 8.94
C ALA A 192 0.84 1.90 7.93
N VAL A 193 2.06 2.25 8.37
CA VAL A 193 3.06 2.77 7.43
C VAL A 193 3.32 1.75 6.32
N SER A 194 3.29 0.46 6.62
CA SER A 194 3.54 -0.53 5.58
C SER A 194 2.35 -0.71 4.64
N HIS A 195 1.20 -0.12 4.95
CA HIS A 195 0.03 -0.13 4.10
C HIS A 195 -0.17 1.18 3.34
N ALA A 196 0.65 2.19 3.60
CA ALA A 196 0.40 3.54 3.11
C ALA A 196 1.09 3.80 1.77
N GLY A 197 0.61 4.83 1.08
CA GLY A 197 1.36 5.39 -0.02
C GLY A 197 1.01 4.89 -1.40
N ALA A 198 0.16 5.64 -2.08
CA ALA A 198 -0.22 5.38 -3.47
C ALA A 198 0.31 6.47 -4.36
N PRO A 199 0.90 6.15 -5.52
CA PRO A 199 1.41 7.20 -6.38
C PRO A 199 0.31 8.09 -6.96
N MET A 200 0.73 9.26 -7.44
CA MET A 200 -0.20 10.26 -7.95
C MET A 200 -0.83 9.89 -9.29
N ALA A 201 -0.23 8.97 -10.05
CA ALA A 201 -0.68 8.75 -11.43
C ALA A 201 -2.14 8.32 -11.51
N ASN A 202 -2.67 7.66 -10.48
CA ASN A 202 -4.06 7.22 -10.59
C ASN A 202 -5.05 8.32 -10.23
N ALA A 203 -4.60 9.49 -9.81
CA ALA A 203 -5.48 10.65 -9.81
C ALA A 203 -5.96 10.92 -11.24
N ALA A 204 -7.19 11.42 -11.34
CA ALA A 204 -7.88 11.62 -12.63
C ALA A 204 -8.19 10.30 -13.34
N THR A 205 -8.22 9.19 -12.58
CA THR A 205 -8.76 7.93 -13.06
C THR A 205 -9.77 7.41 -12.04
N GLN A 206 -10.49 6.36 -12.44
CA GLN A 206 -11.50 5.76 -11.58
C GLN A 206 -10.92 5.11 -10.32
N THR A 207 -9.60 4.91 -10.25
CA THR A 207 -8.98 4.30 -9.07
C THR A 207 -8.74 5.30 -7.94
N LYS A 208 -8.67 6.59 -8.23
CA LYS A 208 -8.40 7.58 -7.20
C LYS A 208 -9.30 7.43 -5.97
N PRO A 209 -10.60 7.21 -6.10
CA PRO A 209 -11.45 7.10 -4.89
C PRO A 209 -11.00 6.00 -3.96
N LEU A 210 -10.39 4.93 -4.49
CA LEU A 210 -9.89 3.85 -3.64
C LEU A 210 -8.73 4.31 -2.76
N HIS A 211 -8.08 5.44 -3.07
CA HIS A 211 -7.04 5.91 -2.18
C HIS A 211 -7.60 6.25 -0.82
N ILE A 212 -8.79 6.86 -0.78
CA ILE A 212 -9.45 7.15 0.48
C ILE A 212 -10.10 5.90 1.05
N GLY A 213 -10.72 5.08 0.20
CA GLY A 213 -11.29 3.83 0.69
C GLY A 213 -10.25 2.94 1.35
N ASN A 214 -9.08 2.83 0.74
CA ASN A 214 -8.00 2.01 1.30
C ASN A 214 -7.40 2.65 2.55
N ALA A 215 -7.29 3.97 2.58
CA ALA A 215 -6.80 4.62 3.79
C ALA A 215 -7.67 4.24 4.98
N ALA A 216 -9.00 4.33 4.80
CA ALA A 216 -9.92 3.94 5.86
C ALA A 216 -9.76 2.47 6.21
N LYS A 217 -9.84 1.59 5.21
CA LYS A 217 -9.75 0.15 5.45
C LYS A 217 -8.43 -0.23 6.11
N HIS A 218 -7.30 0.22 5.55
CA HIS A 218 -6.01 -0.25 6.02
C HIS A 218 -5.70 0.26 7.43
N GLY A 219 -6.20 1.45 7.78
CA GLY A 219 -6.05 1.90 9.15
C GLY A 219 -6.73 0.99 10.14
N ILE A 220 -7.93 0.51 9.81
CA ILE A 220 -8.60 -0.45 10.69
C ILE A 220 -7.79 -1.75 10.76
N GLU A 221 -7.33 -2.23 9.61
CA GLU A 221 -6.56 -3.47 9.63
C GLU A 221 -5.32 -3.33 10.49
N ALA A 222 -4.64 -2.19 10.41
CA ALA A 222 -3.46 -1.97 11.23
C ALA A 222 -3.81 -1.97 12.71
N ALA A 223 -4.91 -1.30 13.09
CA ALA A 223 -5.31 -1.28 14.48
C ALA A 223 -5.67 -2.68 14.97
N PHE A 224 -6.39 -3.46 14.14
CA PHE A 224 -6.75 -4.82 14.52
C PHE A 224 -5.50 -5.68 14.69
N LEU A 225 -4.54 -5.56 13.78
CA LEU A 225 -3.32 -6.34 13.88
C LEU A 225 -2.51 -5.94 15.12
N ALA A 226 -2.44 -4.64 15.42
CA ALA A 226 -1.80 -4.19 16.65
C ALA A 226 -2.49 -4.76 17.87
N MET A 227 -3.82 -4.76 17.87
CA MET A 227 -4.58 -5.32 18.97
C MET A 227 -4.23 -6.78 19.19
N LEU A 228 -3.95 -7.51 18.11
CA LEU A 228 -3.59 -8.93 18.20
C LEU A 228 -2.12 -9.15 18.56
N GLY A 229 -1.33 -8.08 18.65
CA GLY A 229 0.04 -8.20 19.13
C GLY A 229 1.11 -8.01 18.08
N LEU A 230 0.77 -7.68 16.84
CA LEU A 230 1.79 -7.48 15.81
C LEU A 230 2.64 -6.27 16.16
N GLN A 231 3.95 -6.39 15.91
CA GLN A 231 4.91 -5.34 16.22
C GLN A 231 5.62 -4.88 14.96
N GLY A 232 5.89 -3.57 14.90
CA GLY A 232 6.67 -2.97 13.83
C GLY A 232 7.76 -2.07 14.39
N ASN A 233 8.30 -1.17 13.57
CA ASN A 233 9.43 -0.36 14.00
C ASN A 233 8.97 0.70 15.00
N LYS A 234 9.65 0.76 16.15
CA LYS A 234 9.27 1.66 17.23
C LYS A 234 9.53 3.13 16.92
N GLN A 235 10.31 3.42 15.88
CA GLN A 235 10.66 4.79 15.51
C GLN A 235 10.25 5.09 14.08
N VAL A 236 9.13 4.50 13.65
CA VAL A 236 8.77 4.53 12.24
C VAL A 236 8.60 5.95 11.74
N LEU A 237 8.11 6.88 12.57
CA LEU A 237 7.93 8.26 12.12
C LEU A 237 9.22 9.08 12.19
N ASP A 238 10.22 8.59 12.91
CA ASP A 238 11.48 9.29 13.06
C ASP A 238 12.45 9.04 11.91
N LEU A 239 12.19 8.05 11.07
CA LEU A 239 13.19 7.50 10.16
C LEU A 239 12.94 7.91 8.72
N GLU A 240 14.02 8.31 8.04
CA GLU A 240 13.95 8.59 6.61
C GLU A 240 13.49 7.37 5.83
N ALA A 241 13.89 6.19 6.28
CA ALA A 241 13.54 4.94 5.62
C ALA A 241 12.24 4.36 6.16
N GLY A 242 11.55 5.06 7.05
CA GLY A 242 10.20 4.71 7.45
C GLY A 242 9.20 5.62 6.76
N PHE A 243 8.41 6.35 7.54
CA PHE A 243 7.41 7.24 6.95
C PHE A 243 8.05 8.30 6.07
N GLY A 244 9.31 8.65 6.31
CA GLY A 244 10.00 9.60 5.47
C GLY A 244 10.13 9.18 4.03
N ALA A 245 9.92 7.89 3.73
CA ALA A 245 10.07 7.42 2.37
C ALA A 245 9.08 8.07 1.42
N PHE A 246 7.97 8.60 1.93
CA PHE A 246 6.95 9.20 1.08
C PHE A 246 7.19 10.68 0.83
N TYR A 247 8.22 11.27 1.43
CA TYR A 247 8.46 12.70 1.38
C TYR A 247 9.80 12.99 0.71
N ALA A 248 9.85 14.10 -0.03
CA ALA A 248 11.11 14.51 -0.65
C ALA A 248 12.08 15.05 0.39
N ASN A 249 11.62 15.93 1.27
CA ASN A 249 12.45 16.51 2.33
CA ASN A 249 12.45 16.51 2.33
C ASN A 249 11.72 16.36 3.65
N TYR A 250 12.09 15.32 4.40
CA TYR A 250 11.38 14.92 5.61
C TYR A 250 11.93 15.64 6.83
N SER A 251 11.05 16.29 7.58
CA SER A 251 11.45 17.05 8.76
C SER A 251 10.43 16.82 9.87
N PRO A 252 10.45 15.64 10.48
CA PRO A 252 9.46 15.34 11.52
C PRO A 252 9.75 16.08 12.82
N LYS A 253 8.68 16.26 13.62
CA LYS A 253 8.73 16.97 14.88
C LYS A 253 7.81 16.30 15.88
N VAL A 254 8.19 16.34 17.16
CA VAL A 254 7.34 15.77 18.20
C VAL A 254 6.01 16.52 18.27
N LEU A 255 4.97 15.82 18.70
CA LEU A 255 3.71 16.47 19.02
C LEU A 255 3.85 17.21 20.33
N PRO A 256 2.99 18.21 20.57
CA PRO A 256 2.95 18.82 21.90
C PRO A 256 2.43 17.84 22.94
N SER A 257 2.73 18.14 24.19
CA SER A 257 2.24 17.33 25.30
CA SER A 257 2.23 17.32 25.30
C SER A 257 0.73 17.49 25.45
N ILE A 258 0.07 16.44 25.96
CA ILE A 258 -1.38 16.50 26.14
C ILE A 258 -1.76 17.51 27.23
N ALA A 259 -0.87 17.74 28.20
CA ALA A 259 -1.18 18.66 29.28
C ALA A 259 -1.44 20.07 28.76
N SER A 260 -0.85 20.42 27.62
CA SER A 260 -1.03 21.71 27.00
C SER A 260 -1.17 21.47 25.50
N TYR A 261 -2.31 20.92 25.10
CA TYR A 261 -2.51 20.50 23.72
C TYR A 261 -3.28 21.56 22.94
N SER A 262 -2.91 21.73 21.68
CA SER A 262 -3.63 22.60 20.76
C SER A 262 -3.88 21.86 19.47
N TRP A 263 -5.10 21.96 18.96
CA TRP A 263 -5.51 21.26 17.76
C TRP A 263 -5.18 22.07 16.51
N LEU A 264 -4.66 21.39 15.48
CA LEU A 264 -4.42 22.10 14.23
C LEU A 264 -5.71 22.67 13.65
N LEU A 265 -6.82 21.94 13.78
CA LEU A 265 -8.09 22.41 13.23
C LEU A 265 -8.57 23.69 13.89
N ASP A 266 -8.05 24.04 15.07
CA ASP A 266 -8.45 25.29 15.70
C ASP A 266 -7.85 26.50 15.02
N GLN A 267 -6.77 26.33 14.25
CA GLN A 267 -6.14 27.43 13.53
C GLN A 267 -6.12 27.24 12.02
N GLN A 268 -6.68 26.15 11.50
CA GLN A 268 -6.74 25.91 10.06
C GLN A 268 -8.04 25.18 9.76
N ASP A 269 -9.00 25.89 9.17
CA ASP A 269 -10.28 25.31 8.78
C ASP A 269 -10.13 24.54 7.47
N VAL A 270 -11.15 23.74 7.14
CA VAL A 270 -11.17 23.01 5.88
C VAL A 270 -11.91 23.85 4.84
N ALA A 271 -11.66 23.52 3.57
CA ALA A 271 -12.46 24.03 2.46
C ALA A 271 -13.54 23.01 2.10
N PHE A 272 -14.73 23.50 1.80
CA PHE A 272 -15.82 22.67 1.31
C PHE A 272 -16.11 23.04 -0.14
N LYS A 273 -16.28 22.03 -0.97
CA LYS A 273 -16.47 22.23 -2.40
C LYS A 273 -17.93 22.52 -2.73
N ARG A 274 -18.12 23.29 -3.80
CA ARG A 274 -19.46 23.57 -4.31
C ARG A 274 -19.81 22.73 -5.52
N PHE A 275 -18.82 22.18 -6.23
CA PHE A 275 -19.06 21.23 -7.30
C PHE A 275 -18.00 20.14 -7.23
N PRO A 276 -18.28 18.97 -7.77
CA PRO A 276 -17.40 17.81 -7.56
C PRO A 276 -16.21 17.82 -8.51
N ALA A 277 -15.14 18.52 -8.13
CA ALA A 277 -13.94 18.60 -8.95
C ALA A 277 -12.80 19.06 -8.08
N HIS A 278 -11.59 18.99 -8.64
CA HIS A 278 -10.39 19.37 -7.91
C HIS A 278 -10.54 20.79 -7.34
N LEU A 279 -10.08 20.97 -6.10
CA LEU A 279 -10.25 22.26 -5.45
C LEU A 279 -9.63 23.38 -6.28
N SER A 280 -8.52 23.12 -6.97
CA SER A 280 -7.87 24.21 -7.70
C SER A 280 -8.77 24.75 -8.81
N THR A 281 -9.70 23.93 -9.32
CA THR A 281 -10.61 24.41 -10.36
C THR A 281 -11.73 25.27 -9.82
N HIS A 282 -11.91 25.35 -8.49
CA HIS A 282 -12.92 26.23 -7.94
C HIS A 282 -12.55 27.70 -8.12
N TRP A 283 -11.26 28.02 -8.08
CA TRP A 283 -10.84 29.37 -8.43
C TRP A 283 -11.12 29.66 -9.90
N VAL A 284 -10.86 28.67 -10.77
CA VAL A 284 -11.12 28.84 -12.19
C VAL A 284 -12.60 29.09 -12.44
N ALA A 285 -13.46 28.27 -11.83
CA ALA A 285 -14.91 28.44 -12.00
C ALA A 285 -15.36 29.81 -11.53
N ASP A 286 -14.84 30.25 -10.38
CA ASP A 286 -15.22 31.55 -9.83
C ASP A 286 -14.81 32.68 -10.77
N ALA A 287 -13.59 32.62 -11.31
CA ALA A 287 -13.14 33.67 -12.20
C ALA A 287 -13.91 33.63 -13.51
N ALA A 288 -14.16 32.44 -14.05
CA ALA A 288 -14.89 32.31 -15.30
C ALA A 288 -16.34 32.75 -15.14
N ALA A 289 -16.95 32.50 -13.97
CA ALA A 289 -18.32 32.93 -13.75
C ALA A 289 -18.42 34.44 -13.85
N SER A 290 -17.44 35.15 -13.31
CA SER A 290 -17.46 36.61 -13.37
C SER A 290 -17.16 37.11 -14.77
N VAL A 291 -16.18 36.54 -15.46
CA VAL A 291 -15.90 37.02 -16.80
C VAL A 291 -17.10 36.76 -17.71
N ARG A 292 -17.82 35.67 -17.47
CA ARG A 292 -19.02 35.40 -18.26
C ARG A 292 -20.08 36.48 -18.04
N LYS A 293 -20.30 36.87 -16.79
CA LYS A 293 -21.27 37.93 -16.53
C LYS A 293 -20.87 39.22 -17.24
N HIS A 294 -19.57 39.50 -17.30
CA HIS A 294 -19.09 40.68 -18.01
C HIS A 294 -19.36 40.55 -19.50
N LEU A 295 -19.06 39.38 -20.08
CA LEU A 295 -19.32 39.16 -21.49
C LEU A 295 -20.81 39.32 -21.80
N VAL A 296 -21.67 38.71 -20.97
CA VAL A 296 -23.11 38.82 -21.18
C VAL A 296 -23.57 40.26 -21.04
N ALA A 297 -22.96 41.01 -20.11
CA ALA A 297 -23.33 42.41 -19.93
C ALA A 297 -23.01 43.24 -21.17
N GLU A 298 -21.90 42.92 -21.85
CA GLU A 298 -21.54 43.59 -23.09
C GLU A 298 -22.12 42.90 -24.32
N ARG A 299 -22.98 41.90 -24.14
CA ARG A 299 -23.57 41.16 -25.25
C ARG A 299 -22.48 40.53 -26.12
N ALA A 300 -21.50 39.93 -25.45
CA ALA A 300 -20.29 39.46 -26.12
C ALA A 300 -19.96 38.00 -25.82
N LEU A 301 -20.85 37.26 -25.14
CA LEU A 301 -20.65 35.83 -25.01
C LEU A 301 -21.05 35.11 -26.29
N LEU A 302 -22.31 35.24 -26.69
CA LEU A 302 -22.88 34.58 -27.87
C LEU A 302 -22.61 35.43 -29.10
N PRO A 303 -22.26 34.82 -30.25
CA PRO A 303 -22.04 33.38 -30.43
C PRO A 303 -20.70 32.89 -29.87
N THR A 304 -20.73 31.69 -29.28
CA THR A 304 -19.51 31.09 -28.74
C THR A 304 -18.38 31.06 -29.76
N ASP A 305 -18.71 31.06 -31.06
CA ASP A 305 -17.69 31.00 -32.10
C ASP A 305 -16.91 32.30 -32.24
N TYR A 306 -17.37 33.40 -31.66
CA TYR A 306 -16.61 34.65 -31.73
C TYR A 306 -15.54 34.74 -30.67
N ILE A 307 -15.50 33.81 -29.73
CA ILE A 307 -14.37 33.72 -28.79
C ILE A 307 -13.17 33.20 -29.56
N LYS A 308 -12.08 33.95 -29.54
CA LYS A 308 -10.85 33.62 -30.24
C LYS A 308 -9.83 32.95 -29.33
N ARG A 309 -9.76 33.38 -28.07
CA ARG A 309 -8.66 32.98 -27.19
C ARG A 309 -9.12 33.06 -25.74
N ILE A 310 -8.78 32.03 -24.97
CA ILE A 310 -9.07 31.97 -23.53
C ILE A 310 -7.76 31.66 -22.81
N VAL A 311 -7.27 32.61 -22.02
CA VAL A 311 -6.03 32.43 -21.27
C VAL A 311 -6.38 32.20 -19.81
N LEU A 312 -5.87 31.10 -19.24
CA LEU A 312 -5.99 30.83 -17.82
C LEU A 312 -4.63 31.03 -17.19
N ARG A 313 -4.54 31.96 -16.24
CA ARG A 313 -3.32 32.21 -15.49
C ARG A 313 -3.47 31.49 -14.16
N ILE A 314 -2.70 30.41 -13.99
CA ILE A 314 -2.99 29.43 -12.97
C ILE A 314 -1.68 28.94 -12.35
N PRO A 315 -1.74 28.24 -11.22
CA PRO A 315 -0.53 27.63 -10.67
C PRO A 315 -0.08 26.45 -11.51
N ASN A 316 1.19 26.09 -11.34
CA ASN A 316 1.80 25.00 -12.09
C ASN A 316 1.45 23.69 -11.38
N VAL A 317 0.30 23.14 -11.73
CA VAL A 317 -0.22 21.90 -11.13
C VAL A 317 -0.52 20.98 -12.31
N GLN A 318 0.46 20.16 -12.70
CA GLN A 318 0.35 19.51 -14.00
C GLN A 318 -0.72 18.42 -14.03
N TYR A 319 -1.07 17.83 -12.89
CA TYR A 319 -2.12 16.79 -12.95
C TYR A 319 -3.52 17.39 -13.05
N VAL A 320 -3.63 18.71 -13.10
CA VAL A 320 -4.89 19.38 -13.44
C VAL A 320 -4.80 20.13 -14.76
N ASN A 321 -3.68 19.98 -15.47
CA ASN A 321 -3.51 20.51 -16.82
C ASN A 321 -3.92 19.42 -17.81
N ARG A 322 -5.17 19.49 -18.28
CA ARG A 322 -5.72 18.48 -19.20
C ARG A 322 -6.50 19.24 -20.24
N PRO A 323 -5.91 19.50 -21.41
CA PRO A 323 -6.58 20.37 -22.38
C PRO A 323 -7.79 19.73 -23.04
N PHE A 324 -7.82 18.40 -23.15
CA PHE A 324 -8.89 17.70 -23.87
C PHE A 324 -9.34 16.47 -23.08
N PRO A 325 -9.92 16.69 -21.90
CA PRO A 325 -10.40 15.56 -21.11
C PRO A 325 -11.60 14.90 -21.79
N VAL A 326 -11.70 13.59 -21.60
CA VAL A 326 -12.82 12.82 -22.15
C VAL A 326 -13.60 12.11 -21.05
N SER A 327 -12.92 11.58 -20.05
CA SER A 327 -13.61 10.89 -18.97
C SER A 327 -14.04 11.86 -17.88
N GLU A 328 -15.03 11.42 -17.11
CA GLU A 328 -15.47 12.12 -15.90
C GLU A 328 -14.30 12.47 -15.00
N HIS A 329 -13.40 11.52 -14.75
CA HIS A 329 -12.32 11.74 -13.80
C HIS A 329 -11.31 12.74 -14.34
N GLU A 330 -11.04 12.70 -15.64
CA GLU A 330 -10.15 13.68 -16.25
C GLU A 330 -10.76 15.08 -16.17
N ALA A 331 -12.06 15.20 -16.44
CA ALA A 331 -12.70 16.51 -16.45
C ALA A 331 -12.70 17.14 -15.06
N ARG A 332 -12.80 16.34 -14.00
CA ARG A 332 -12.71 16.87 -12.64
C ARG A 332 -11.32 17.40 -12.34
N HIS A 333 -10.32 16.95 -13.12
CA HIS A 333 -8.94 17.38 -12.97
C HIS A 333 -8.49 18.17 -14.19
N SER A 334 -9.31 19.11 -14.63
CA SER A 334 -8.98 19.89 -15.83
C SER A 334 -9.33 21.35 -15.58
N PHE A 335 -8.29 22.19 -15.44
CA PHE A 335 -8.51 23.64 -15.44
C PHE A 335 -9.34 24.03 -16.65
N GLN A 336 -8.97 23.48 -17.80
CA GLN A 336 -9.53 23.91 -19.07
C GLN A 336 -11.00 23.57 -19.17
N TYR A 337 -11.39 22.35 -18.78
CA TYR A 337 -12.80 21.99 -18.91
C TYR A 337 -13.67 22.82 -17.97
N VAL A 338 -13.22 23.02 -16.72
CA VAL A 338 -14.05 23.76 -15.79
C VAL A 338 -14.27 25.19 -16.30
N ALA A 339 -13.22 25.82 -16.81
CA ALA A 339 -13.37 27.15 -17.38
C ALA A 339 -14.35 27.15 -18.53
N CYS A 340 -14.25 26.17 -19.42
CA CYS A 340 -15.06 26.17 -20.64
C CYS A 340 -16.50 25.80 -20.34
N ALA A 341 -16.73 24.83 -19.45
CA ALA A 341 -18.09 24.49 -19.07
C ALA A 341 -18.78 25.67 -18.40
N MET A 342 -18.07 26.39 -17.53
CA MET A 342 -18.66 27.58 -16.90
C MET A 342 -19.01 28.65 -17.94
N LEU A 343 -18.08 28.92 -18.87
CA LEU A 343 -18.35 29.91 -19.90
C LEU A 343 -19.56 29.52 -20.74
N LEU A 344 -19.66 28.25 -21.09
CA LEU A 344 -20.73 27.80 -21.98
C LEU A 344 -22.07 27.77 -21.25
N ASP A 345 -22.07 27.18 -20.05
CA ASP A 345 -23.29 26.84 -19.34
C ASP A 345 -23.70 27.87 -18.29
N GLY A 346 -22.78 28.68 -17.79
CA GLY A 346 -23.11 29.64 -16.76
C GLY A 346 -23.19 29.06 -15.36
N GLY A 347 -22.79 27.80 -15.19
CA GLY A 347 -22.67 27.18 -13.89
C GLY A 347 -21.93 25.87 -14.05
N ILE A 348 -21.56 25.30 -12.91
CA ILE A 348 -20.99 23.96 -12.83
C ILE A 348 -21.80 23.17 -11.82
N THR A 349 -22.31 22.02 -12.24
CA THR A 349 -23.16 21.19 -11.41
C THR A 349 -22.69 19.75 -11.55
N VAL A 350 -23.29 18.84 -10.77
CA VAL A 350 -22.91 17.45 -10.85
C VAL A 350 -22.97 16.92 -12.29
N PRO A 351 -24.02 17.17 -13.07
CA PRO A 351 -24.05 16.67 -14.46
C PRO A 351 -23.00 17.29 -15.37
N SER A 352 -22.34 18.38 -14.97
CA SER A 352 -21.28 18.94 -15.79
C SER A 352 -20.19 17.92 -16.08
N PHE A 353 -20.04 16.90 -15.23
CA PHE A 353 -18.95 15.94 -15.37
C PHE A 353 -19.41 14.60 -15.92
N HIS A 354 -20.62 14.53 -16.49
CA HIS A 354 -21.03 13.39 -17.30
CA HIS A 354 -21.03 13.39 -17.30
C HIS A 354 -20.37 13.49 -18.68
N GLU A 355 -19.97 12.35 -19.21
CA GLU A 355 -19.18 12.36 -20.44
C GLU A 355 -19.94 12.95 -21.63
N GLN A 357 -21.75 15.57 -21.49
CA GLN A 357 -21.57 17.02 -21.36
C GLN A 357 -20.12 17.39 -21.70
N ILE A 358 -19.20 16.55 -21.24
CA ILE A 358 -17.78 16.81 -21.43
C ILE A 358 -17.44 16.84 -22.92
N ASN A 359 -18.08 15.99 -23.71
CA ASN A 359 -17.67 15.80 -25.09
C ASN A 359 -18.58 16.50 -26.10
N ARG A 360 -19.37 17.46 -25.62
CA ARG A 360 -20.16 18.29 -26.52
C ARG A 360 -19.25 19.01 -27.52
N PRO A 361 -19.61 19.05 -28.80
CA PRO A 361 -18.78 19.79 -29.77
C PRO A 361 -18.51 21.23 -29.38
N GLN A 362 -19.51 21.94 -28.82
CA GLN A 362 -19.29 23.32 -28.40
C GLN A 362 -18.22 23.40 -27.31
N VAL A 363 -18.17 22.41 -26.42
CA VAL A 363 -17.13 22.37 -25.41
C VAL A 363 -15.78 22.16 -26.06
N ARG A 364 -15.69 21.21 -26.98
CA ARG A 364 -14.41 20.93 -27.64
C ARG A 364 -13.92 22.16 -28.38
N GLU A 365 -14.85 22.91 -29.00
CA GLU A 365 -14.49 24.13 -29.70
C GLU A 365 -13.89 25.15 -28.76
N LEU A 366 -14.47 25.32 -27.57
CA LEU A 366 -13.89 26.21 -26.58
C LEU A 366 -12.56 25.69 -26.05
N LEU A 367 -12.47 24.38 -25.80
CA LEU A 367 -11.22 23.82 -25.28
C LEU A 367 -10.05 24.11 -26.22
N SER A 368 -10.31 24.08 -27.54
CA SER A 368 -9.24 24.30 -28.50
C SER A 368 -8.71 25.72 -28.48
N LYS A 369 -9.37 26.63 -27.77
CA LYS A 369 -8.96 28.02 -27.71
C LYS A 369 -8.26 28.38 -26.41
N VAL A 370 -8.11 27.41 -25.50
CA VAL A 370 -7.56 27.68 -24.17
C VAL A 370 -6.05 27.58 -24.22
N GLU A 371 -5.39 28.53 -23.54
CA GLU A 371 -3.96 28.49 -23.32
C GLU A 371 -3.70 28.72 -21.83
N LEU A 372 -2.75 27.98 -21.28
CA LEU A 372 -2.35 28.14 -19.88
C LEU A 372 -1.11 29.02 -19.78
N GLU A 373 -1.12 29.95 -18.82
CA GLU A 373 0.02 30.75 -18.43
C GLU A 373 0.28 30.51 -16.95
N TYR A 374 1.57 30.54 -16.57
CA TYR A 374 2.00 30.20 -15.21
C TYR A 374 2.73 31.39 -14.59
N PRO A 375 1.99 32.33 -14.00
CA PRO A 375 2.64 33.47 -13.33
C PRO A 375 3.52 32.99 -12.19
N PRO A 376 4.74 33.52 -12.06
CA PRO A 376 5.62 33.02 -10.99
C PRO A 376 5.07 33.21 -9.58
N ASP A 377 4.21 34.20 -9.34
CA ASP A 377 3.67 34.41 -8.00
C ASP A 377 2.47 33.52 -7.70
N ASN A 378 2.03 32.69 -8.65
CA ASN A 378 0.86 31.86 -8.47
C ASN A 378 1.31 30.50 -7.96
N LEU A 379 1.68 30.48 -6.70
CA LEU A 379 2.34 29.30 -6.17
C LEU A 379 1.33 28.18 -5.96
N PRO A 380 1.76 26.91 -6.14
CA PRO A 380 0.84 25.77 -6.10
C PRO A 380 0.47 25.33 -4.69
N SER A 381 -0.06 26.28 -3.91
CA SER A 381 -0.55 26.05 -2.57
C SER A 381 -1.97 26.60 -2.49
N PHE A 382 -2.86 25.85 -1.84
CA PHE A 382 -4.24 26.31 -1.70
C PHE A 382 -4.33 27.59 -0.88
N ASN A 383 -3.29 27.91 -0.11
CA ASN A 383 -3.24 29.15 0.65
C ASN A 383 -2.88 30.35 -0.21
N ILE A 384 -2.29 30.13 -1.38
CA ILE A 384 -1.68 31.18 -2.18
C ILE A 384 -2.34 31.32 -3.55
N LEU A 385 -2.69 30.20 -4.18
CA LEU A 385 -2.97 30.23 -5.61
C LEU A 385 -4.24 31.01 -5.92
N TYR A 386 -4.30 31.50 -7.16
CA TYR A 386 -5.44 32.24 -7.67
C TYR A 386 -5.67 31.82 -9.12
N CYS A 387 -6.74 32.32 -9.72
CA CYS A 387 -6.94 32.19 -11.15
C CYS A 387 -7.29 33.53 -11.76
N GLU A 388 -6.58 33.91 -12.81
CA GLU A 388 -6.95 35.00 -13.70
C GLU A 388 -7.35 34.41 -15.04
N ILE A 389 -8.46 34.90 -15.61
CA ILE A 389 -8.93 34.45 -16.91
C ILE A 389 -9.06 35.65 -17.82
N SER A 390 -8.62 35.50 -19.06
CA SER A 390 -8.80 36.51 -20.09
C SER A 390 -9.43 35.86 -21.31
N VAL A 391 -10.54 36.43 -21.76
CA VAL A 391 -11.26 35.97 -22.95
C VAL A 391 -11.15 37.05 -24.00
N THR A 392 -10.57 36.72 -25.15
CA THR A 392 -10.42 37.66 -26.25
C THR A 392 -11.36 37.25 -27.38
N LEU A 393 -12.06 38.24 -27.94
CA LEU A 393 -13.02 38.02 -29.01
C LEU A 393 -12.39 38.29 -30.36
N LYS A 394 -13.09 37.85 -31.42
CA LYS A 394 -12.59 38.05 -32.77
C LYS A 394 -12.36 39.53 -33.07
N ASP A 395 -13.21 40.41 -32.54
CA ASP A 395 -13.05 41.84 -32.80
C ASP A 395 -11.94 42.47 -31.96
N GLY A 396 -11.22 41.67 -31.18
CA GLY A 396 -10.08 42.14 -30.43
C GLY A 396 -10.33 42.42 -28.97
N ALA A 397 -11.59 42.65 -28.59
CA ALA A 397 -11.92 42.96 -27.20
C ALA A 397 -11.46 41.85 -26.27
N THR A 398 -10.84 42.24 -25.16
CA THR A 398 -10.39 41.28 -24.15
C THR A 398 -11.09 41.57 -22.84
N PHE A 399 -11.63 40.52 -22.22
CA PHE A 399 -12.33 40.59 -20.96
C PHE A 399 -11.53 39.78 -19.95
N THR A 400 -11.18 40.40 -18.83
CA THR A 400 -10.31 39.76 -17.84
C THR A 400 -10.99 39.78 -16.48
N ASP A 401 -10.88 38.67 -15.76
CA ASP A 401 -11.40 38.61 -14.40
C ASP A 401 -10.47 37.71 -13.58
N ARG A 402 -10.75 37.62 -12.30
CA ARG A 402 -9.80 36.99 -11.39
C ARG A 402 -10.54 36.56 -10.14
N SER A 403 -10.08 35.46 -9.56
CA SER A 403 -10.57 34.95 -8.30
C SER A 403 -9.37 34.70 -7.38
N ASP A 404 -9.32 35.43 -6.26
CA ASP A 404 -8.31 35.19 -5.24
C ASP A 404 -8.78 34.19 -4.19
N THR A 405 -10.08 34.21 -3.86
CA THR A 405 -10.70 33.26 -2.94
C THR A 405 -12.10 32.99 -3.44
N PHE A 406 -12.49 31.73 -3.52
CA PHE A 406 -13.85 31.35 -3.89
C PHE A 406 -14.64 31.02 -2.63
N TYR A 407 -15.97 31.15 -2.73
CA TYR A 407 -16.86 30.81 -1.62
C TYR A 407 -16.80 29.31 -1.34
N GLY A 408 -16.42 28.96 -0.10
CA GLY A 408 -16.20 27.58 0.31
C GLY A 408 -14.78 27.33 0.80
N HIS A 409 -13.83 28.12 0.32
CA HIS A 409 -12.47 28.14 0.84
C HIS A 409 -12.49 28.53 2.32
N TRP A 410 -11.45 28.12 3.04
CA TRP A 410 -11.43 28.41 4.49
C TRP A 410 -11.43 29.91 4.77
N ARG A 411 -10.93 30.73 3.82
CA ARG A 411 -10.99 32.17 4.02
C ARG A 411 -12.38 32.74 3.79
N LYS A 412 -13.24 32.01 3.08
CA LYS A 412 -14.58 32.48 2.74
C LYS A 412 -15.51 31.29 2.91
N PRO A 413 -15.66 30.81 4.15
CA PRO A 413 -16.29 29.50 4.36
C PRO A 413 -17.78 29.50 4.12
N LEU A 414 -18.29 28.35 3.71
CA LEU A 414 -19.73 28.19 3.53
C LEU A 414 -20.45 28.48 4.85
N SER A 415 -21.50 29.28 4.78
CA SER A 415 -22.36 29.43 5.94
C SER A 415 -22.94 28.07 6.33
N GLN A 416 -23.38 27.96 7.58
CA GLN A 416 -24.04 26.73 7.99
C GLN A 416 -25.25 26.44 7.11
N GLU A 417 -26.02 27.48 6.79
CA GLU A 417 -27.21 27.27 5.97
C GLU A 417 -26.84 26.69 4.61
N ASP A 418 -25.82 27.24 3.95
CA ASP A 418 -25.43 26.75 2.63
C ASP A 418 -24.78 25.37 2.71
N LEU A 419 -24.03 25.09 3.79
CA LEU A 419 -23.49 23.75 3.98
C LEU A 419 -24.61 22.73 4.14
N GLU A 420 -25.66 23.09 4.87
CA GLU A 420 -26.79 22.18 5.06
C GLU A 420 -27.58 22.01 3.77
N GLU A 421 -27.71 23.07 2.97
CA GLU A 421 -28.41 22.94 1.71
C GLU A 421 -27.63 22.06 0.74
N LYS A 422 -26.29 22.14 0.77
CA LYS A 422 -25.48 21.22 -0.02
C LYS A 422 -25.72 19.79 0.43
N PHE A 423 -25.77 19.56 1.74
CA PHE A 423 -26.04 18.22 2.25
C PHE A 423 -27.39 17.71 1.76
N ARG A 424 -28.43 18.57 1.84
CA ARG A 424 -29.75 18.16 1.39
C ARG A 424 -29.73 17.73 -0.07
N ALA A 425 -29.05 18.51 -0.92
CA ALA A 425 -28.99 18.18 -2.34
C ALA A 425 -28.28 16.87 -2.58
N ASN A 426 -27.20 16.63 -1.82
CA ASN A 426 -26.40 15.43 -2.02
C ASN A 426 -27.07 14.19 -1.44
N ALA A 427 -27.67 14.32 -0.25
CA ALA A 427 -28.21 13.16 0.46
C ALA A 427 -29.60 12.79 0.00
N SER A 428 -30.36 13.73 -0.58
CA SER A 428 -31.72 13.42 -1.00
C SER A 428 -31.75 12.46 -2.19
N LYS A 429 -30.61 12.19 -2.82
CA LYS A 429 -30.58 11.19 -3.89
C LYS A 429 -30.83 9.80 -3.34
N MET A 430 -30.46 9.56 -2.08
CA MET A 430 -30.55 8.24 -1.48
C MET A 430 -31.45 8.17 -0.25
N LEU A 431 -31.77 9.30 0.37
CA LEU A 431 -32.52 9.31 1.62
C LEU A 431 -33.79 10.12 1.48
N SER A 432 -34.78 9.77 2.30
CA SER A 432 -36.01 10.52 2.41
C SER A 432 -35.76 11.85 3.11
N TRP A 433 -36.67 12.80 2.90
CA TRP A 433 -36.56 14.13 3.51
CA TRP A 433 -36.50 14.11 3.50
C TRP A 433 -36.48 14.03 5.02
N ASP A 434 -37.31 13.17 5.61
CA ASP A 434 -37.32 13.05 7.07
C ASP A 434 -35.96 12.62 7.61
N THR A 435 -35.32 11.64 6.96
CA THR A 435 -34.02 11.19 7.41
C THR A 435 -32.96 12.26 7.20
N VAL A 436 -33.01 12.93 6.05
CA VAL A 436 -32.08 14.03 5.78
C VAL A 436 -32.16 15.08 6.89
N GLU A 437 -33.37 15.50 7.24
CA GLU A 437 -33.50 16.53 8.27
C GLU A 437 -33.07 15.99 9.63
N SER A 438 -33.35 14.71 9.90
CA SER A 438 -32.94 14.13 11.18
C SER A 438 -31.43 14.10 11.31
N LEU A 439 -30.72 13.76 10.22
CA LEU A 439 -29.27 13.73 10.24
C LEU A 439 -28.68 15.12 10.44
N ILE A 440 -29.24 16.14 9.78
CA ILE A 440 -28.77 17.51 9.99
C ILE A 440 -28.88 17.87 11.47
N LYS A 441 -30.01 17.54 12.08
CA LYS A 441 -30.22 17.91 13.48
C LYS A 441 -29.30 17.13 14.40
N ILE A 442 -29.12 15.83 14.16
CA ILE A 442 -28.25 15.02 15.02
C ILE A 442 -26.81 15.54 14.94
N VAL A 443 -26.33 15.79 13.72
CA VAL A 443 -24.94 16.20 13.58
C VAL A 443 -24.73 17.59 14.16
N LYS A 444 -25.71 18.49 13.97
CA LYS A 444 -25.57 19.85 14.47
C LYS A 444 -25.45 19.88 15.99
N ASN A 445 -26.00 18.89 16.68
CA ASN A 445 -25.98 18.79 18.14
C ASN A 445 -25.24 17.55 18.60
N LEU A 446 -24.22 17.14 17.84
CA LEU A 446 -23.60 15.83 18.08
C LEU A 446 -23.05 15.70 19.48
N GLU A 447 -22.53 16.79 20.06
CA GLU A 447 -21.95 16.68 21.39
C GLU A 447 -22.99 16.30 22.44
N ASP A 448 -24.28 16.45 22.14
CA ASP A 448 -25.36 16.11 23.04
C ASP A 448 -25.85 14.67 22.89
N LEU A 449 -25.42 13.97 21.84
CA LEU A 449 -25.92 12.63 21.58
C LEU A 449 -25.34 11.64 22.58
N GLU A 450 -26.21 10.86 23.23
CA GLU A 450 -25.76 9.89 24.22
C GLU A 450 -25.33 8.57 23.58
N ASP A 451 -25.92 8.19 22.45
CA ASP A 451 -25.71 6.87 21.88
C ASP A 451 -25.62 7.01 20.36
N CYS A 452 -24.44 6.71 19.81
CA CYS A 452 -24.24 6.88 18.38
C CYS A 452 -25.07 5.93 17.54
N SER A 453 -25.69 4.92 18.13
CA SER A 453 -26.57 4.04 17.36
C SER A 453 -27.72 4.83 16.74
N VAL A 454 -28.14 5.92 17.39
CA VAL A 454 -29.17 6.80 16.83
C VAL A 454 -28.71 7.37 15.50
N LEU A 455 -27.41 7.68 15.39
CA LEU A 455 -26.85 8.17 14.14
C LEU A 455 -26.66 7.04 13.14
N THR A 456 -26.02 5.94 13.56
CA THR A 456 -25.69 4.91 12.58
C THR A 456 -26.95 4.22 12.06
N THR A 457 -28.01 4.15 12.87
CA THR A 457 -29.26 3.56 12.40
C THR A 457 -29.85 4.35 11.25
N LEU A 458 -29.72 5.69 11.30
CA LEU A 458 -30.24 6.52 10.21
C LEU A 458 -29.43 6.36 8.93
N LEU A 459 -28.13 6.07 9.05
CA LEU A 459 -27.27 6.03 7.87
C LEU A 459 -27.66 4.93 6.90
N LYS A 460 -28.40 3.91 7.39
CA LYS A 460 -28.84 2.83 6.52
C LYS A 460 -29.87 3.32 5.51
N GLY A 461 -30.70 4.30 5.89
CA GLY A 461 -31.78 4.75 5.05
C GLY A 461 -32.96 3.80 5.12
N PRO A 462 -34.08 4.15 4.45
CA PRO A 462 -34.27 5.39 3.67
C PRO A 462 -34.40 6.61 4.57
N SER B 6 3.46 1.90 -25.59
CA SER B 6 3.86 2.31 -24.25
C SER B 6 4.46 1.13 -23.49
N ILE B 7 5.24 1.44 -22.47
CA ILE B 7 5.80 0.39 -21.61
C ILE B 7 4.67 -0.35 -20.92
N THR B 8 3.69 0.39 -20.41
CA THR B 8 2.56 -0.24 -19.73
C THR B 8 1.86 -1.21 -20.67
N GLU B 9 1.61 -0.80 -21.91
CA GLU B 9 0.93 -1.69 -22.84
C GLU B 9 1.77 -2.92 -23.13
N SER B 10 3.09 -2.77 -23.20
CA SER B 10 3.95 -3.91 -23.50
C SER B 10 3.86 -4.97 -22.41
N PHE B 11 3.70 -4.55 -21.15
CA PHE B 11 3.51 -5.51 -20.06
C PHE B 11 2.16 -6.20 -20.17
N ALA B 12 1.09 -5.43 -20.41
CA ALA B 12 -0.23 -6.03 -20.50
C ALA B 12 -0.30 -7.04 -21.65
N THR B 13 0.29 -6.67 -22.79
CA THR B 13 0.31 -7.55 -23.95
C THR B 13 0.99 -8.88 -23.64
N ALA B 14 2.10 -8.83 -22.91
CA ALA B 14 2.86 -10.05 -22.63
C ALA B 14 2.14 -10.91 -21.60
N ILE B 15 1.62 -10.28 -20.54
CA ILE B 15 0.89 -11.04 -19.52
C ILE B 15 -0.25 -11.81 -20.17
N HIS B 16 -1.02 -11.15 -21.03
CA HIS B 16 -2.14 -11.81 -21.67
C HIS B 16 -1.68 -12.81 -22.73
N GLY B 17 -0.65 -12.44 -23.49
CA GLY B 17 -0.28 -13.18 -24.69
C GLY B 17 0.65 -14.36 -24.50
N LEU B 18 1.41 -14.42 -23.41
CA LEU B 18 2.32 -15.53 -23.21
C LEU B 18 1.54 -16.83 -23.02
N LYS B 19 2.05 -17.91 -23.60
CA LYS B 19 1.35 -19.19 -23.68
C LYS B 19 2.27 -20.30 -23.18
N VAL B 20 1.67 -21.46 -22.90
CA VAL B 20 2.47 -22.58 -22.40
C VAL B 20 3.64 -22.86 -23.33
N GLY B 21 3.41 -22.73 -24.64
CA GLY B 21 4.46 -23.00 -25.61
C GLY B 21 5.66 -22.08 -25.51
N HIS B 22 5.51 -20.93 -24.83
CA HIS B 22 6.63 -20.02 -24.65
C HIS B 22 7.56 -20.47 -23.52
N LEU B 23 7.09 -21.32 -22.62
CA LEU B 23 7.94 -21.83 -21.56
C LEU B 23 9.10 -22.63 -22.13
N THR B 24 10.26 -22.51 -21.50
CA THR B 24 11.43 -23.30 -21.83
C THR B 24 11.61 -24.42 -20.80
N ASP B 25 12.36 -25.45 -21.19
CA ASP B 25 12.69 -26.49 -20.24
C ASP B 25 13.36 -25.90 -19.00
N ARG B 26 14.32 -25.00 -19.22
CA ARG B 26 15.06 -24.43 -18.09
C ARG B 26 14.14 -23.62 -17.17
N VAL B 27 13.24 -22.81 -17.74
CA VAL B 27 12.40 -22.00 -16.87
C VAL B 27 11.46 -22.89 -16.06
N ILE B 28 11.02 -24.01 -16.65
CA ILE B 28 10.19 -24.98 -15.93
C ILE B 28 11.00 -25.64 -14.83
N GLN B 29 12.24 -26.03 -15.11
CA GLN B 29 13.06 -26.67 -14.08
C GLN B 29 13.33 -25.70 -12.93
N ARG B 30 13.68 -24.45 -13.24
CA ARG B 30 14.00 -23.51 -12.18
C ARG B 30 12.76 -23.14 -11.36
N SER B 31 11.60 -23.00 -12.02
CA SER B 31 10.40 -22.62 -11.28
C SER B 31 9.88 -23.78 -10.44
N LYS B 32 10.09 -25.03 -10.86
CA LYS B 32 9.74 -26.16 -10.00
C LYS B 32 10.59 -26.18 -8.73
N ARG B 33 11.88 -25.86 -8.85
CA ARG B 33 12.71 -25.74 -7.65
C ARG B 33 12.18 -24.64 -6.74
N MET B 34 11.82 -23.49 -7.33
CA MET B 34 11.28 -22.38 -6.55
C MET B 34 9.99 -22.75 -5.85
N ILE B 35 9.12 -23.48 -6.55
CA ILE B 35 7.83 -23.82 -5.95
C ILE B 35 8.04 -24.74 -4.75
N LEU B 36 8.89 -25.77 -4.89
CA LEU B 36 9.13 -26.66 -3.75
C LEU B 36 9.73 -25.89 -2.57
N ASP B 37 10.75 -25.06 -2.83
CA ASP B 37 11.40 -24.35 -1.75
C ASP B 37 10.41 -23.44 -1.03
N THR B 38 9.54 -22.77 -1.79
CA THR B 38 8.60 -21.81 -1.22
C THR B 38 7.52 -22.51 -0.40
N LEU B 39 7.03 -23.66 -0.87
CA LEU B 39 6.12 -24.46 -0.07
C LEU B 39 6.75 -24.83 1.27
N GLY B 40 8.00 -25.28 1.26
CA GLY B 40 8.68 -25.62 2.49
C GLY B 40 8.80 -24.44 3.44
N ALA B 41 9.20 -23.28 2.90
CA ALA B 41 9.26 -22.08 3.73
C ALA B 41 7.92 -21.78 4.35
N GLY B 42 6.84 -21.89 3.56
CA GLY B 42 5.51 -21.66 4.07
C GLY B 42 5.14 -22.62 5.18
N PHE B 43 5.32 -23.93 4.95
CA PHE B 43 4.96 -24.90 5.98
C PHE B 43 5.69 -24.65 7.28
N LEU B 44 7.00 -24.40 7.22
CA LEU B 44 7.73 -24.09 8.43
C LEU B 44 7.22 -22.78 9.04
N GLY B 45 6.87 -21.82 8.19
CA GLY B 45 6.36 -20.55 8.67
C GLY B 45 5.06 -20.63 9.42
N THR B 46 4.29 -21.70 9.25
CA THR B 46 3.03 -21.83 9.99
C THR B 46 3.26 -22.12 11.47
N THR B 47 4.52 -22.24 11.92
CA THR B 47 4.83 -22.40 13.33
C THR B 47 5.12 -21.06 14.03
N THR B 48 5.10 -19.94 13.30
CA THR B 48 5.56 -18.67 13.83
C THR B 48 4.42 -17.85 14.42
N GLU B 49 4.80 -16.96 15.35
CA GLU B 49 3.81 -16.08 15.96
C GLU B 49 3.18 -15.15 14.92
N VAL B 50 3.98 -14.65 13.96
CA VAL B 50 3.42 -13.72 13.00
C VAL B 50 2.37 -14.42 12.11
N PHE B 51 2.59 -15.69 11.79
CA PHE B 51 1.57 -16.44 11.08
C PHE B 51 0.31 -16.60 11.93
N HIS B 52 0.46 -16.88 13.22
CA HIS B 52 -0.71 -17.02 14.08
CA HIS B 52 -0.71 -17.03 14.06
C HIS B 52 -1.50 -15.71 14.14
N ILE B 53 -0.80 -14.57 14.24
CA ILE B 53 -1.48 -13.29 14.25
C ILE B 53 -2.21 -13.05 12.93
N ALA B 54 -1.52 -13.28 11.81
CA ALA B 54 -2.14 -13.07 10.51
C ALA B 54 -3.36 -13.97 10.32
N SER B 55 -3.29 -15.21 10.82
CA SER B 55 -4.42 -16.13 10.68
CA SER B 55 -4.42 -16.11 10.67
C SER B 55 -5.57 -15.74 11.60
N GLN B 56 -5.25 -15.29 12.82
CA GLN B 56 -6.30 -14.87 13.75
C GLN B 56 -7.04 -13.65 13.21
N TYR B 57 -6.32 -12.70 12.63
CA TYR B 57 -6.97 -11.57 11.97
C TYR B 57 -7.83 -12.05 10.81
N SER B 58 -7.24 -12.86 9.92
CA SER B 58 -7.92 -13.23 8.68
C SER B 58 -9.15 -14.08 8.93
N LYS B 59 -9.16 -14.84 10.03
CA LYS B 59 -10.28 -15.72 10.35
C LYS B 59 -11.56 -14.96 10.65
N ILE B 60 -11.52 -13.63 10.79
CA ILE B 60 -12.76 -12.92 10.98
C ILE B 60 -13.58 -12.92 9.69
N TYR B 61 -12.95 -13.26 8.56
CA TYR B 61 -13.60 -13.23 7.25
C TYR B 61 -13.92 -14.64 6.79
N SER B 62 -15.10 -14.80 6.22
CA SER B 62 -15.49 -16.04 5.59
C SER B 62 -16.13 -15.72 4.24
N SER B 63 -16.18 -16.73 3.39
CA SER B 63 -16.80 -16.59 2.08
C SER B 63 -17.20 -17.96 1.57
N ASN B 64 -18.26 -17.98 0.76
CA ASN B 64 -18.65 -19.20 0.06
C ASN B 64 -17.63 -19.57 -1.01
N ILE B 65 -16.75 -18.65 -1.38
CA ILE B 65 -15.67 -18.88 -2.32
C ILE B 65 -14.38 -18.83 -1.49
N SER B 66 -13.77 -19.99 -1.25
CA SER B 66 -12.70 -20.05 -0.26
C SER B 66 -11.58 -20.99 -0.69
N SER B 67 -10.45 -20.84 0.00
CA SER B 67 -9.30 -21.71 -0.18
CA SER B 67 -9.24 -21.64 -0.19
C SER B 67 -8.67 -21.96 1.19
N THR B 68 -7.69 -22.84 1.23
CA THR B 68 -7.22 -23.33 2.52
CA THR B 68 -7.21 -23.35 2.51
C THR B 68 -5.83 -22.80 2.85
N VAL B 69 -5.58 -22.71 4.15
CA VAL B 69 -4.28 -22.33 4.67
C VAL B 69 -3.41 -23.57 4.72
N TRP B 70 -2.14 -23.44 4.35
CA TRP B 70 -1.28 -24.60 4.17
C TRP B 70 -1.08 -25.32 5.50
N GLY B 71 -1.32 -26.64 5.47
CA GLY B 71 -1.21 -27.46 6.65
C GLY B 71 -2.32 -27.31 7.68
N GLN B 72 -3.32 -26.45 7.43
CA GLN B 72 -4.35 -26.15 8.41
C GLN B 72 -5.73 -26.43 7.82
N PRO B 73 -6.15 -27.69 7.78
CA PRO B 73 -7.46 -28.00 7.19
C PRO B 73 -8.61 -27.26 7.84
N ASP B 74 -8.44 -26.78 9.08
CA ASP B 74 -9.51 -26.12 9.81
C ASP B 74 -9.71 -24.67 9.40
N ILE B 75 -8.73 -24.06 8.73
CA ILE B 75 -8.74 -22.64 8.43
C ILE B 75 -9.02 -22.50 6.94
N ARG B 76 -10.26 -22.12 6.62
CA ARG B 76 -10.70 -21.84 5.25
C ARG B 76 -10.99 -20.36 5.13
N LEU B 77 -10.43 -19.72 4.12
CA LEU B 77 -10.49 -18.27 3.99
C LEU B 77 -10.84 -17.89 2.57
N PRO B 78 -11.38 -16.68 2.36
CA PRO B 78 -11.45 -16.13 1.00
C PRO B 78 -10.06 -16.15 0.39
N PRO B 79 -9.94 -16.37 -0.93
CA PRO B 79 -8.59 -16.55 -1.52
C PRO B 79 -7.65 -15.39 -1.27
N THR B 80 -8.15 -14.14 -1.23
CA THR B 80 -7.28 -13.02 -0.90
C THR B 80 -6.62 -13.21 0.46
N TYR B 81 -7.39 -13.66 1.46
CA TYR B 81 -6.84 -13.82 2.80
C TYR B 81 -6.06 -15.11 2.94
N ALA B 82 -6.44 -16.17 2.22
CA ALA B 82 -5.58 -17.35 2.20
C ALA B 82 -4.21 -17.02 1.63
N ALA B 83 -4.16 -16.26 0.52
CA ALA B 83 -2.87 -15.87 -0.05
C ALA B 83 -2.09 -14.99 0.93
N PHE B 84 -2.80 -14.10 1.63
CA PHE B 84 -2.17 -13.27 2.65
C PHE B 84 -1.49 -14.11 3.72
N VAL B 85 -2.22 -15.07 4.29
CA VAL B 85 -1.69 -15.83 5.41
CA VAL B 85 -1.68 -15.83 5.42
C VAL B 85 -0.57 -16.76 4.95
N ASN B 86 -0.75 -17.43 3.83
CA ASN B 86 0.30 -18.31 3.34
C ASN B 86 1.54 -17.51 2.94
N GLY B 87 1.34 -16.32 2.38
CA GLY B 87 2.47 -15.45 2.06
C GLY B 87 3.20 -14.99 3.31
N VAL B 88 2.46 -14.61 4.34
CA VAL B 88 3.08 -14.30 5.62
C VAL B 88 3.92 -15.48 6.10
N ALA B 89 3.35 -16.69 6.04
CA ALA B 89 4.12 -17.87 6.45
C ALA B 89 5.41 -18.00 5.63
N ILE B 90 5.32 -17.80 4.31
CA ILE B 90 6.48 -17.98 3.44
C ILE B 90 7.63 -17.06 3.85
N HIS B 91 7.31 -15.81 4.17
CA HIS B 91 8.32 -14.78 4.46
C HIS B 91 8.53 -14.58 5.97
N SER B 92 7.88 -15.40 6.80
CA SER B 92 7.87 -15.17 8.25
C SER B 92 9.25 -15.28 8.88
N MET B 93 10.14 -16.07 8.28
CA MET B 93 11.45 -16.34 8.87
C MET B 93 12.58 -15.94 7.92
N ASP B 94 12.26 -15.12 6.91
CA ASP B 94 13.24 -14.70 5.92
C ASP B 94 13.97 -15.91 5.33
N PHE B 95 13.23 -16.97 5.06
CA PHE B 95 13.78 -18.24 4.60
C PHE B 95 13.49 -18.49 3.13
N ASP B 96 12.70 -17.62 2.48
CA ASP B 96 12.22 -17.86 1.12
C ASP B 96 13.26 -17.39 0.10
N ASP B 97 12.96 -17.63 -1.18
CA ASP B 97 13.98 -17.48 -2.22
C ASP B 97 14.26 -16.00 -2.49
N THR B 98 15.39 -15.77 -3.15
CA THR B 98 15.92 -14.42 -3.39
C THR B 98 16.51 -14.35 -4.80
N TRP B 99 16.28 -13.24 -5.48
CA TRP B 99 16.67 -13.10 -6.87
C TRP B 99 17.68 -11.96 -7.04
N HIS B 100 18.08 -11.77 -8.30
CA HIS B 100 18.80 -10.58 -8.74
C HIS B 100 18.05 -9.99 -9.93
N PRO B 101 17.77 -8.67 -9.95
CA PRO B 101 17.97 -7.69 -8.87
C PRO B 101 17.18 -8.10 -7.61
N ALA B 102 17.38 -7.40 -6.50
CA ALA B 102 17.09 -7.96 -5.19
C ALA B 102 15.61 -7.93 -4.88
N THR B 103 15.01 -9.11 -4.77
CA THR B 103 13.69 -9.26 -4.18
C THR B 103 13.51 -10.73 -3.82
N HIS B 104 12.36 -11.03 -3.23
CA HIS B 104 11.95 -12.39 -2.90
C HIS B 104 10.76 -12.70 -3.79
N PRO B 105 10.94 -13.39 -4.89
CA PRO B 105 9.91 -13.38 -5.94
C PRO B 105 8.79 -14.40 -5.78
N SER B 106 9.10 -15.61 -5.32
CA SER B 106 8.09 -16.67 -5.36
C SER B 106 7.01 -16.48 -4.32
N GLY B 107 7.34 -15.88 -3.18
CA GLY B 107 6.36 -15.74 -2.11
C GLY B 107 5.20 -14.85 -2.47
N ALA B 108 5.41 -13.93 -3.40
CA ALA B 108 4.36 -13.04 -3.87
C ALA B 108 3.44 -13.70 -4.88
N VAL B 109 3.81 -14.84 -5.44
CA VAL B 109 3.14 -15.42 -6.60
C VAL B 109 2.54 -16.79 -6.29
N LEU B 110 3.30 -17.67 -5.64
CA LEU B 110 2.81 -19.03 -5.45
C LEU B 110 1.52 -19.08 -4.64
N PRO B 111 1.41 -18.46 -3.45
CA PRO B 111 0.16 -18.58 -2.68
C PRO B 111 -1.02 -17.92 -3.34
N VAL B 112 -0.79 -16.96 -4.25
CA VAL B 112 -1.86 -16.42 -5.07
C VAL B 112 -2.45 -17.51 -5.94
N LEU B 113 -1.60 -18.26 -6.64
CA LEU B 113 -2.09 -19.23 -7.62
C LEU B 113 -2.68 -20.45 -6.94
N THR B 114 -2.13 -20.90 -5.81
CA THR B 114 -2.76 -22.03 -5.13
C THR B 114 -4.12 -21.62 -4.56
N ALA B 115 -4.24 -20.40 -4.06
CA ALA B 115 -5.53 -19.94 -3.54
C ALA B 115 -6.57 -19.88 -4.66
N LEU B 116 -6.22 -19.25 -5.78
CA LEU B 116 -7.19 -19.11 -6.87
C LEU B 116 -7.55 -20.47 -7.46
N ALA B 117 -6.57 -21.37 -7.60
CA ALA B 117 -6.86 -22.68 -8.18
C ALA B 117 -7.89 -23.43 -7.35
N GLU B 118 -7.84 -23.30 -6.02
CA GLU B 118 -8.80 -23.99 -5.17
C GLU B 118 -10.14 -23.27 -5.14
N ALA B 119 -10.13 -21.95 -5.19
CA ALA B 119 -11.35 -21.18 -4.98
C ALA B 119 -12.19 -21.05 -6.25
N LEU B 120 -11.57 -21.05 -7.42
CA LEU B 120 -12.26 -20.70 -8.66
C LEU B 120 -11.97 -21.69 -9.78
N PRO B 121 -12.77 -22.76 -9.90
CA PRO B 121 -12.54 -23.73 -10.98
C PRO B 121 -12.45 -23.06 -12.35
N ARG B 122 -11.51 -23.51 -13.16
CA ARG B 122 -11.34 -23.08 -14.55
C ARG B 122 -11.98 -24.11 -15.48
N SER B 123 -12.26 -23.70 -16.71
CA SER B 123 -12.50 -24.65 -17.79
C SER B 123 -11.63 -24.27 -18.98
N PRO B 124 -10.72 -25.15 -19.44
CA PRO B 124 -10.44 -26.49 -18.90
C PRO B 124 -9.92 -26.39 -17.47
N LYS B 125 -9.90 -27.50 -16.76
CA LYS B 125 -9.40 -27.49 -15.39
C LYS B 125 -7.96 -27.00 -15.36
N PHE B 126 -7.63 -26.29 -14.27
CA PHE B 126 -6.30 -25.73 -14.08
C PHE B 126 -5.29 -26.86 -13.93
N SER B 127 -4.32 -26.90 -14.84
CA SER B 127 -3.32 -27.98 -14.90
C SER B 127 -2.00 -27.52 -14.29
N GLY B 128 -1.09 -28.50 -14.11
CA GLY B 128 0.25 -28.17 -13.67
C GLY B 128 0.96 -27.21 -14.61
N LEU B 129 0.77 -27.38 -15.92
CA LEU B 129 1.36 -26.46 -16.88
C LEU B 129 0.72 -25.08 -16.81
N ASP B 130 -0.60 -25.02 -16.61
CA ASP B 130 -1.25 -23.73 -16.41
C ASP B 130 -0.67 -23.02 -15.19
N LEU B 131 -0.43 -23.78 -14.11
CA LEU B 131 0.20 -23.21 -12.93
C LEU B 131 1.60 -22.69 -13.24
N LEU B 132 2.40 -23.50 -13.94
CA LEU B 132 3.75 -23.07 -14.27
C LEU B 132 3.74 -21.82 -15.14
N LEU B 133 2.80 -21.72 -16.09
CA LEU B 133 2.73 -20.53 -16.93
C LEU B 133 2.41 -19.29 -16.10
N ALA B 134 1.34 -19.35 -15.31
CA ALA B 134 0.96 -18.19 -14.52
C ALA B 134 2.06 -17.83 -13.52
N PHE B 135 2.69 -18.84 -12.90
CA PHE B 135 3.78 -18.59 -11.97
C PHE B 135 4.93 -17.86 -12.66
N ASN B 136 5.34 -18.35 -13.82
CA ASN B 136 6.49 -17.75 -14.48
C ASN B 136 6.16 -16.36 -15.02
N VAL B 137 4.90 -16.10 -15.39
CA VAL B 137 4.52 -14.74 -15.76
C VAL B 137 4.69 -13.82 -14.56
N GLY B 138 4.25 -14.27 -13.38
CA GLY B 138 4.39 -13.43 -12.19
C GLY B 138 5.84 -13.16 -11.83
N ILE B 139 6.69 -14.18 -11.95
CA ILE B 139 8.12 -14.01 -11.72
C ILE B 139 8.70 -13.04 -12.75
N GLU B 140 8.43 -13.28 -14.03
CA GLU B 140 8.97 -12.47 -15.10
C GLU B 140 8.63 -11.00 -14.94
N VAL B 141 7.37 -10.70 -14.61
CA VAL B 141 6.97 -9.29 -14.46
C VAL B 141 7.79 -8.63 -13.37
N GLN B 142 8.00 -9.32 -12.25
CA GLN B 142 8.78 -8.74 -11.17
C GLN B 142 10.20 -8.41 -11.63
N GLY B 143 10.85 -9.35 -12.31
CA GLY B 143 12.21 -9.12 -12.74
C GLY B 143 12.32 -7.97 -13.72
N ARG B 144 11.37 -7.86 -14.64
CA ARG B 144 11.42 -6.76 -15.59
C ARG B 144 11.22 -5.43 -14.89
N LEU B 145 10.35 -5.37 -13.88
CA LEU B 145 10.15 -4.13 -13.14
C LEU B 145 11.40 -3.76 -12.35
N LEU B 146 12.09 -4.75 -11.78
CA LEU B 146 13.32 -4.47 -11.07
C LEU B 146 14.37 -3.84 -11.98
N HIS B 147 14.42 -4.29 -13.23
CA HIS B 147 15.38 -3.73 -14.19
C HIS B 147 15.03 -2.33 -14.65
N PHE B 148 13.94 -1.74 -14.14
CA PHE B 148 13.64 -0.36 -14.44
C PHE B 148 14.60 0.62 -13.77
N ALA B 149 15.41 0.16 -12.82
CA ALA B 149 16.35 1.05 -12.18
C ALA B 149 17.59 0.29 -11.75
N LYS B 150 18.76 0.84 -12.07
CA LYS B 150 20.02 0.29 -11.57
C LYS B 150 19.99 0.14 -10.05
N GLU B 151 19.27 1.02 -9.35
CA GLU B 151 19.28 0.97 -7.90
CA GLU B 151 19.26 0.97 -7.89
C GLU B 151 18.68 -0.34 -7.37
N ALA B 152 17.80 -0.98 -8.14
CA ALA B 152 17.25 -2.25 -7.68
C ALA B 152 18.28 -3.37 -7.71
N ASN B 153 19.44 -3.15 -8.35
CA ASN B 153 20.52 -4.11 -8.29
C ASN B 153 21.16 -4.17 -6.91
N ASP B 154 21.04 -3.10 -6.13
CA ASP B 154 21.70 -2.97 -4.84
C ASP B 154 20.68 -3.05 -3.72
N MET B 155 21.17 -3.06 -2.49
CA MET B 155 20.27 -3.23 -1.36
C MET B 155 19.34 -2.04 -1.26
N PRO B 156 18.07 -2.28 -0.90
CA PRO B 156 17.08 -1.19 -0.90
C PRO B 156 17.34 -0.17 0.20
N LYS B 157 17.07 1.10 -0.14
CA LYS B 157 17.26 2.19 0.80
C LYS B 157 15.96 2.79 1.31
N ARG B 158 14.85 2.64 0.58
CA ARG B 158 13.64 3.38 0.94
C ARG B 158 12.41 2.49 0.98
N PHE B 159 12.17 1.72 -0.09
CA PHE B 159 11.02 0.83 -0.17
C PHE B 159 11.49 -0.61 -0.26
N HIS B 160 10.75 -1.50 0.39
CA HIS B 160 11.08 -2.92 0.39
C HIS B 160 10.63 -3.55 -0.92
N PRO B 161 11.55 -4.12 -1.72
CA PRO B 161 11.20 -4.49 -3.11
C PRO B 161 10.02 -5.43 -3.22
N PRO B 162 9.87 -6.42 -2.33
CA PRO B 162 8.68 -7.30 -2.47
C PRO B 162 7.38 -6.54 -2.44
N SER B 163 7.30 -5.45 -1.67
CA SER B 163 6.07 -4.67 -1.61
C SER B 163 5.83 -3.89 -2.90
N VAL B 164 6.88 -3.66 -3.69
CA VAL B 164 6.79 -2.85 -4.90
C VAL B 164 6.57 -3.77 -6.10
N VAL B 165 7.57 -4.61 -6.40
CA VAL B 165 7.44 -5.44 -7.60
C VAL B 165 6.59 -6.67 -7.32
N GLY B 166 6.61 -7.19 -6.09
CA GLY B 166 5.82 -8.37 -5.78
C GLY B 166 4.34 -8.12 -5.90
N THR B 167 3.88 -6.93 -5.52
CA THR B 167 2.47 -6.62 -5.66
C THR B 167 2.03 -6.70 -7.12
N LEU B 168 2.85 -6.18 -8.03
CA LEU B 168 2.49 -6.25 -9.45
C LEU B 168 2.69 -7.64 -10.02
N GLY B 169 3.66 -8.40 -9.51
CA GLY B 169 3.80 -9.78 -9.93
C GLY B 169 2.60 -10.62 -9.55
N SER B 170 2.08 -10.44 -8.34
CA SER B 170 0.85 -11.11 -7.92
C SER B 170 -0.31 -10.74 -8.83
N ALA B 171 -0.47 -9.43 -9.11
CA ALA B 171 -1.55 -8.99 -9.99
C ALA B 171 -1.44 -9.64 -11.36
N ALA B 172 -0.22 -9.74 -11.89
CA ALA B 172 -0.01 -10.36 -13.19
C ALA B 172 -0.36 -11.84 -13.16
N ALA B 173 0.10 -12.55 -12.12
CA ALA B 173 -0.20 -13.97 -12.01
C ALA B 173 -1.70 -14.21 -11.85
N ALA B 174 -2.36 -13.38 -11.04
CA ALA B 174 -3.80 -13.49 -10.88
C ALA B 174 -4.53 -13.17 -12.19
N SER B 175 -4.06 -12.15 -12.92
CA SER B 175 -4.66 -11.82 -14.21
C SER B 175 -4.50 -12.97 -15.19
N LYS B 176 -3.35 -13.65 -15.16
CA LYS B 176 -3.14 -14.79 -16.03
C LYS B 176 -4.08 -15.93 -15.67
N PHE B 177 -4.17 -16.24 -14.36
CA PHE B 177 -5.10 -17.27 -13.91
C PHE B 177 -6.52 -16.97 -14.40
N LEU B 178 -6.96 -15.73 -14.24
CA LEU B 178 -8.34 -15.36 -14.56
C LEU B 178 -8.57 -15.22 -16.06
N GLY B 179 -7.52 -15.29 -16.88
CA GLY B 179 -7.68 -15.12 -18.30
C GLY B 179 -8.11 -13.73 -18.73
N LEU B 180 -7.72 -12.71 -17.97
CA LEU B 180 -8.14 -11.35 -18.30
C LEU B 180 -7.59 -10.92 -19.65
N SER B 181 -8.38 -10.14 -20.38
CA SER B 181 -7.95 -9.51 -21.62
C SER B 181 -6.73 -8.64 -21.36
N SER B 182 -6.00 -8.29 -22.42
CA SER B 182 -4.87 -7.39 -22.28
CA SER B 182 -4.87 -7.39 -22.28
CA SER B 182 -4.86 -7.39 -22.25
C SER B 182 -5.30 -6.08 -21.63
N THR B 183 -6.48 -5.58 -22.03
CA THR B 183 -6.99 -4.34 -21.44
C THR B 183 -7.15 -4.48 -19.92
N LYS B 184 -7.80 -5.56 -19.48
CA LYS B 184 -8.00 -5.73 -18.04
CA LYS B 184 -8.01 -5.75 -18.04
C LYS B 184 -6.71 -6.09 -17.32
N CYS B 185 -5.76 -6.73 -18.01
CA CYS B 185 -4.44 -6.94 -17.40
C CYS B 185 -3.78 -5.60 -17.11
N ARG B 186 -3.92 -4.66 -18.05
CA ARG B 186 -3.35 -3.32 -17.89
C ARG B 186 -3.98 -2.64 -16.67
N GLU B 187 -5.31 -2.66 -16.59
CA GLU B 187 -5.98 -2.07 -15.44
C GLU B 187 -5.54 -2.73 -14.15
N ALA B 188 -5.36 -4.06 -14.15
CA ALA B 188 -4.93 -4.73 -12.92
C ALA B 188 -3.58 -4.19 -12.46
N LEU B 189 -2.64 -3.98 -13.38
CA LEU B 189 -1.36 -3.40 -13.02
C LEU B 189 -1.54 -2.01 -12.43
N ALA B 190 -2.33 -1.16 -13.08
CA ALA B 190 -2.54 0.20 -12.59
C ALA B 190 -3.14 0.19 -11.18
N ILE B 191 -4.16 -0.64 -10.96
CA ILE B 191 -4.79 -0.72 -9.64
C ILE B 191 -3.78 -1.22 -8.61
N ALA B 192 -2.97 -2.22 -8.99
CA ALA B 192 -1.98 -2.75 -8.08
C ALA B 192 -0.97 -1.69 -7.65
N VAL B 193 -0.60 -0.79 -8.57
CA VAL B 193 0.34 0.28 -8.24
C VAL B 193 -0.16 1.08 -7.05
N SER B 194 -1.46 1.30 -6.96
CA SER B 194 -1.99 2.07 -5.83
C SER B 194 -1.99 1.28 -4.54
N HIS B 195 -1.74 -0.03 -4.59
CA HIS B 195 -1.59 -0.86 -3.39
C HIS B 195 -0.14 -1.14 -3.05
N ALA B 196 0.81 -0.73 -3.87
CA ALA B 196 2.19 -1.15 -3.73
C ALA B 196 2.99 -0.20 -2.85
N GLY B 197 4.11 -0.71 -2.33
CA GLY B 197 5.13 0.13 -1.74
C GLY B 197 5.04 0.30 -0.25
N ALA B 198 5.87 -0.44 0.49
CA ALA B 198 6.05 -0.32 1.93
C ALA B 198 7.46 0.13 2.25
N PRO B 199 7.64 1.06 3.18
CA PRO B 199 9.00 1.50 3.52
C PRO B 199 9.85 0.39 4.14
N MET B 200 11.16 0.63 4.11
CA MET B 200 12.13 -0.34 4.65
C MET B 200 12.14 -0.42 6.17
N ALA B 201 11.61 0.57 6.88
CA ALA B 201 11.76 0.60 8.34
C ALA B 201 11.24 -0.67 9.02
N ASN B 202 10.22 -1.31 8.46
CA ASN B 202 9.67 -2.47 9.16
C ASN B 202 10.43 -3.75 8.83
N ALA B 203 11.46 -3.70 7.99
CA ALA B 203 12.38 -4.82 7.94
C ALA B 203 13.06 -4.99 9.29
N ALA B 204 13.35 -6.24 9.65
CA ALA B 204 13.91 -6.60 10.95
C ALA B 204 12.93 -6.36 12.09
N THR B 205 11.64 -6.27 11.77
CA THR B 205 10.57 -6.30 12.76
C THR B 205 9.58 -7.39 12.36
N GLN B 206 8.63 -7.67 13.26
CA GLN B 206 7.63 -8.70 13.02
C GLN B 206 6.69 -8.37 11.86
N THR B 207 6.66 -7.12 11.39
CA THR B 207 5.78 -6.74 10.30
C THR B 207 6.34 -7.07 8.93
N LYS B 208 7.64 -7.26 8.79
CA LYS B 208 8.22 -7.51 7.47
C LYS B 208 7.52 -8.64 6.70
N PRO B 209 7.17 -9.77 7.31
CA PRO B 209 6.52 -10.84 6.54
C PRO B 209 5.24 -10.41 5.85
N LEU B 210 4.53 -9.43 6.42
CA LEU B 210 3.32 -8.94 5.80
C LEU B 210 3.57 -8.21 4.50
N HIS B 211 4.81 -7.81 4.23
CA HIS B 211 5.09 -7.20 2.94
C HIS B 211 4.85 -8.20 1.81
N ILE B 212 5.23 -9.46 2.02
CA ILE B 212 4.96 -10.50 1.05
C ILE B 212 3.49 -10.92 1.10
N GLY B 213 2.94 -11.08 2.30
CA GLY B 213 1.51 -11.42 2.40
C GLY B 213 0.64 -10.40 1.70
N ASN B 214 0.95 -9.11 1.88
CA ASN B 214 0.15 -8.06 1.26
C ASN B 214 0.40 -7.99 -0.24
N ALA B 215 1.63 -8.25 -0.70
CA ALA B 215 1.87 -8.30 -2.13
C ALA B 215 0.97 -9.33 -2.79
N ALA B 216 0.88 -10.51 -2.17
CA ALA B 216 0.00 -11.57 -2.67
C ALA B 216 -1.46 -11.11 -2.65
N LYS B 217 -1.93 -10.69 -1.47
CA LYS B 217 -3.32 -10.27 -1.29
C LYS B 217 -3.70 -9.16 -2.25
N HIS B 218 -2.94 -8.06 -2.23
CA HIS B 218 -3.32 -6.89 -2.99
C HIS B 218 -3.28 -7.14 -4.49
N GLY B 219 -2.39 -8.01 -4.95
CA GLY B 219 -2.38 -8.36 -6.37
C GLY B 219 -3.67 -9.05 -6.80
N ILE B 220 -4.18 -9.94 -5.96
CA ILE B 220 -5.47 -10.56 -6.26
C ILE B 220 -6.58 -9.52 -6.24
N GLU B 221 -6.57 -8.65 -5.24
CA GLU B 221 -7.61 -7.62 -5.16
C GLU B 221 -7.60 -6.76 -6.41
N ALA B 222 -6.41 -6.37 -6.87
CA ALA B 222 -6.31 -5.59 -8.09
C ALA B 222 -6.85 -6.33 -9.30
N ALA B 223 -6.55 -7.62 -9.40
CA ALA B 223 -7.05 -8.41 -10.54
C ALA B 223 -8.56 -8.56 -10.48
N PHE B 224 -9.10 -8.81 -9.29
CA PHE B 224 -10.55 -8.90 -9.13
C PHE B 224 -11.22 -7.59 -9.51
N LEU B 225 -10.68 -6.47 -9.04
CA LEU B 225 -11.29 -5.18 -9.33
C LEU B 225 -11.20 -4.87 -10.83
N ALA B 226 -10.07 -5.21 -11.47
CA ALA B 226 -9.98 -5.05 -12.91
C ALA B 226 -11.02 -5.92 -13.62
N MET B 227 -11.18 -7.16 -13.14
CA MET B 227 -12.16 -8.07 -13.73
C MET B 227 -13.55 -7.45 -13.71
N LEU B 228 -13.90 -6.78 -12.61
CA LEU B 228 -15.21 -6.14 -12.48
C LEU B 228 -15.34 -4.86 -13.29
N GLY B 229 -14.24 -4.33 -13.80
CA GLY B 229 -14.29 -3.17 -14.67
C GLY B 229 -13.64 -1.91 -14.14
N LEU B 230 -12.99 -1.94 -12.98
CA LEU B 230 -12.30 -0.75 -12.48
C LEU B 230 -11.15 -0.36 -13.40
N GLN B 231 -10.98 0.95 -13.59
CA GLN B 231 -9.93 1.47 -14.46
C GLN B 231 -8.97 2.38 -13.70
N GLY B 232 -7.71 2.36 -14.16
CA GLY B 232 -6.66 3.19 -13.61
C GLY B 232 -5.86 3.85 -14.72
N ASN B 233 -4.68 4.35 -14.41
CA ASN B 233 -3.91 5.12 -15.39
C ASN B 233 -3.36 4.19 -16.46
N LYS B 234 -3.66 4.50 -17.72
CA LYS B 234 -3.28 3.65 -18.85
C LYS B 234 -1.77 3.63 -19.10
N GLN B 235 -1.02 4.56 -18.50
CA GLN B 235 0.42 4.65 -18.70
C GLN B 235 1.18 4.51 -17.37
N VAL B 236 0.65 3.73 -16.44
CA VAL B 236 1.11 3.81 -15.06
C VAL B 236 2.59 3.44 -14.92
N LEU B 237 3.10 2.54 -15.78
CA LEU B 237 4.51 2.16 -15.70
C LEU B 237 5.43 3.13 -16.43
N ASP B 238 4.87 3.98 -17.30
CA ASP B 238 5.66 4.94 -18.06
C ASP B 238 5.92 6.23 -17.30
N LEU B 239 5.32 6.42 -16.12
CA LEU B 239 5.28 7.72 -15.47
C LEU B 239 6.13 7.77 -14.21
N GLU B 240 6.89 8.86 -14.08
CA GLU B 240 7.64 9.13 -12.85
C GLU B 240 6.73 9.22 -11.63
N ALA B 241 5.52 9.73 -11.83
CA ALA B 241 4.54 9.87 -10.76
C ALA B 241 3.63 8.65 -10.64
N GLY B 242 3.85 7.63 -11.46
CA GLY B 242 3.17 6.36 -11.31
C GLY B 242 4.08 5.37 -10.62
N PHE B 243 4.38 4.25 -11.28
CA PHE B 243 5.23 3.23 -10.66
C PHE B 243 6.62 3.78 -10.36
N GLY B 244 7.06 4.80 -11.09
CA GLY B 244 8.34 5.43 -10.83
C GLY B 244 8.43 6.13 -9.49
N ALA B 245 7.31 6.32 -8.78
CA ALA B 245 7.36 6.99 -7.48
C ALA B 245 8.18 6.19 -6.47
N PHE B 246 8.34 4.88 -6.68
CA PHE B 246 9.05 4.02 -5.76
C PHE B 246 10.55 3.96 -6.04
N TYR B 247 11.02 4.67 -7.06
CA TYR B 247 12.41 4.57 -7.51
C TYR B 247 13.07 5.93 -7.44
N ALA B 248 14.36 5.96 -7.05
CA ALA B 248 15.08 7.22 -7.02
C ALA B 248 15.39 7.72 -8.42
N ASN B 249 15.82 6.83 -9.31
CA ASN B 249 16.15 7.18 -10.70
C ASN B 249 15.49 6.12 -11.58
N TYR B 250 14.40 6.50 -12.22
CA TYR B 250 13.50 5.57 -12.90
C TYR B 250 13.79 5.55 -14.39
N SER B 251 14.04 4.35 -14.92
CA SER B 251 14.44 4.18 -16.31
C SER B 251 13.73 2.97 -16.91
N PRO B 252 12.42 3.10 -17.15
CA PRO B 252 11.65 1.95 -17.63
C PRO B 252 11.87 1.69 -19.11
N LYS B 253 11.56 0.45 -19.52
CA LYS B 253 11.80 0.01 -20.89
C LYS B 253 10.75 -1.00 -21.29
N VAL B 254 10.39 -1.00 -22.59
CA VAL B 254 9.38 -1.93 -23.07
C VAL B 254 9.89 -3.37 -22.92
N LEU B 255 8.95 -4.29 -22.76
CA LEU B 255 9.28 -5.70 -22.77
C LEU B 255 9.63 -6.16 -24.17
N PRO B 256 10.28 -7.32 -24.30
CA PRO B 256 10.39 -7.94 -25.61
C PRO B 256 9.02 -8.35 -26.13
N SER B 257 8.94 -8.50 -27.44
CA SER B 257 7.71 -8.97 -28.07
C SER B 257 7.51 -10.46 -27.79
N ILE B 258 6.24 -10.88 -27.80
CA ILE B 258 5.92 -12.28 -27.53
C ILE B 258 6.67 -13.21 -28.46
N ALA B 259 6.92 -12.78 -29.70
CA ALA B 259 7.65 -13.60 -30.66
C ALA B 259 9.05 -13.90 -30.16
N SER B 260 9.34 -15.18 -29.92
CA SER B 260 10.63 -15.64 -29.42
C SER B 260 10.99 -14.95 -28.11
N TYR B 261 10.04 -14.96 -27.18
CA TYR B 261 10.23 -14.33 -25.88
C TYR B 261 11.38 -14.97 -25.13
N SER B 262 12.09 -14.17 -24.33
CA SER B 262 13.19 -14.64 -23.49
CA SER B 262 13.17 -14.65 -23.49
C SER B 262 12.86 -14.36 -22.03
N TRP B 263 12.92 -15.40 -21.20
CA TRP B 263 12.64 -15.27 -19.79
C TRP B 263 13.87 -14.84 -19.01
N LEU B 264 13.70 -13.88 -18.11
CA LEU B 264 14.81 -13.50 -17.25
C LEU B 264 15.31 -14.69 -16.42
N LEU B 265 14.39 -15.54 -15.96
CA LEU B 265 14.79 -16.67 -15.13
C LEU B 265 15.69 -17.66 -15.88
N ASP B 266 15.70 -17.62 -17.22
CA ASP B 266 16.57 -18.51 -17.97
C ASP B 266 18.01 -18.06 -17.96
N GLN B 267 18.28 -16.80 -17.62
CA GLN B 267 19.64 -16.31 -17.52
C GLN B 267 20.01 -15.80 -16.14
N GLN B 268 19.10 -15.91 -15.16
CA GLN B 268 19.40 -15.50 -13.79
C GLN B 268 18.66 -16.45 -12.85
N ASP B 269 19.39 -17.33 -12.19
CA ASP B 269 18.81 -18.25 -11.21
C ASP B 269 18.52 -17.52 -9.91
N VAL B 270 17.70 -18.14 -9.07
CA VAL B 270 17.44 -17.65 -7.72
C VAL B 270 18.45 -18.29 -6.78
N ALA B 271 18.60 -17.67 -5.62
CA ALA B 271 19.34 -18.23 -4.50
C ALA B 271 18.36 -18.84 -3.50
N PHE B 272 18.71 -20.01 -2.99
CA PHE B 272 17.96 -20.68 -1.94
C PHE B 272 18.79 -20.65 -0.66
N LYS B 273 18.13 -20.27 0.43
CA LYS B 273 18.80 -20.13 1.72
C LYS B 273 18.93 -21.47 2.41
N ARG B 274 20.04 -21.64 3.12
CA ARG B 274 20.20 -22.82 3.96
CA ARG B 274 20.21 -22.82 3.96
C ARG B 274 19.85 -22.57 5.42
N PHE B 275 19.78 -21.32 5.84
CA PHE B 275 19.28 -20.99 7.17
C PHE B 275 18.41 -19.75 7.07
N PRO B 276 17.53 -19.53 8.03
CA PRO B 276 16.51 -18.48 7.89
C PRO B 276 17.01 -17.11 8.34
N ALA B 277 17.64 -16.39 7.42
CA ALA B 277 18.18 -15.07 7.70
C ALA B 277 18.44 -14.34 6.38
N HIS B 278 18.77 -13.06 6.48
CA HIS B 278 19.03 -12.24 5.31
C HIS B 278 20.10 -12.88 4.43
N LEU B 279 19.93 -12.78 3.11
CA LEU B 279 20.86 -13.47 2.22
C LEU B 279 22.29 -12.99 2.42
N SER B 280 22.48 -11.69 2.68
CA SER B 280 23.84 -11.18 2.83
C SER B 280 24.58 -11.91 3.94
N THR B 281 23.88 -12.37 4.98
CA THR B 281 24.57 -13.06 6.08
C THR B 281 25.03 -14.46 5.70
N HIS B 282 24.56 -15.00 4.57
CA HIS B 282 25.03 -16.32 4.13
C HIS B 282 26.50 -16.27 3.71
N TRP B 283 26.94 -15.14 3.15
CA TRP B 283 28.36 -14.97 2.88
C TRP B 283 29.17 -14.93 4.17
N VAL B 284 28.63 -14.22 5.18
CA VAL B 284 29.29 -14.14 6.48
C VAL B 284 29.40 -15.52 7.11
N ALA B 285 28.30 -16.28 7.09
CA ALA B 285 28.32 -17.63 7.66
C ALA B 285 29.36 -18.50 6.98
N ASP B 286 29.48 -18.41 5.65
CA ASP B 286 30.42 -19.24 4.92
C ASP B 286 31.86 -18.89 5.30
N ALA B 287 32.18 -17.59 5.36
CA ALA B 287 33.53 -17.20 5.70
C ALA B 287 33.87 -17.55 7.14
N ALA B 288 32.92 -17.33 8.06
CA ALA B 288 33.18 -17.64 9.47
C ALA B 288 33.35 -19.14 9.67
N ALA B 289 32.57 -19.96 8.96
CA ALA B 289 32.76 -21.41 9.02
C ALA B 289 34.15 -21.79 8.55
N SER B 290 34.63 -21.14 7.50
CA SER B 290 35.93 -21.48 6.94
C SER B 290 37.06 -21.01 7.85
N VAL B 291 36.95 -19.83 8.44
CA VAL B 291 38.04 -19.36 9.30
C VAL B 291 38.09 -20.15 10.60
N ARG B 292 36.96 -20.74 11.02
CA ARG B 292 36.89 -21.44 12.31
C ARG B 292 37.90 -22.58 12.39
N LYS B 293 38.28 -23.18 11.26
CA LYS B 293 39.20 -24.33 11.30
C LYS B 293 40.52 -23.97 11.96
N HIS B 294 40.97 -22.71 11.80
CA HIS B 294 42.25 -22.29 12.34
C HIS B 294 42.19 -22.10 13.84
N LEU B 295 41.00 -21.81 14.35
CA LEU B 295 40.84 -21.44 15.75
C LEU B 295 40.63 -22.64 16.65
N VAL B 296 40.05 -23.72 16.11
CA VAL B 296 39.66 -24.87 16.93
C VAL B 296 40.62 -26.04 16.79
N ALA B 297 41.57 -25.99 15.85
CA ALA B 297 42.49 -27.10 15.60
C ALA B 297 41.73 -28.41 15.64
N GLU B 298 42.25 -29.40 16.36
CA GLU B 298 41.57 -30.67 16.56
C GLU B 298 40.71 -30.69 17.82
N ARG B 299 40.35 -29.52 18.36
CA ARG B 299 39.65 -29.47 19.64
C ARG B 299 38.14 -29.31 19.51
N ALA B 300 37.65 -28.88 18.36
CA ALA B 300 36.23 -28.70 18.07
C ALA B 300 35.60 -27.61 18.93
N LEU B 301 36.39 -26.83 19.65
CA LEU B 301 35.88 -25.80 20.57
C LEU B 301 36.45 -24.45 20.19
N LEU B 302 35.60 -23.43 20.16
CA LEU B 302 36.08 -22.07 19.91
C LEU B 302 36.84 -21.57 21.12
N PRO B 303 38.04 -20.97 20.94
CA PRO B 303 38.75 -20.37 22.10
C PRO B 303 38.25 -18.96 22.41
N THR B 304 37.00 -18.90 22.86
CA THR B 304 36.27 -17.63 22.93
C THR B 304 37.03 -16.56 23.72
N ASP B 305 37.58 -16.92 24.88
CA ASP B 305 38.27 -15.95 25.71
C ASP B 305 39.57 -15.48 25.10
N TYR B 306 40.12 -16.21 24.15
CA TYR B 306 41.40 -15.87 23.53
C TYR B 306 41.25 -15.02 22.28
N ILE B 307 40.02 -14.74 21.86
CA ILE B 307 39.80 -13.88 20.71
C ILE B 307 39.85 -12.43 21.15
N LYS B 308 40.64 -11.63 20.45
CA LYS B 308 40.75 -10.20 20.73
C LYS B 308 39.83 -9.36 19.86
N ARG B 309 39.75 -9.67 18.57
CA ARG B 309 38.99 -8.85 17.65
C ARG B 309 38.49 -9.71 16.50
N ILE B 310 37.29 -9.41 16.03
CA ILE B 310 36.67 -10.04 14.87
C ILE B 310 36.33 -8.93 13.90
N VAL B 311 36.95 -8.93 12.74
CA VAL B 311 36.70 -7.92 11.71
C VAL B 311 35.89 -8.57 10.60
N LEU B 312 34.76 -7.95 10.25
CA LEU B 312 33.95 -8.36 9.11
C LEU B 312 34.06 -7.28 8.05
N ARG B 313 34.62 -7.64 6.89
CA ARG B 313 34.76 -6.74 5.75
C ARG B 313 33.61 -7.06 4.81
N ILE B 314 32.66 -6.14 4.70
CA ILE B 314 31.35 -6.43 4.15
C ILE B 314 30.90 -5.24 3.33
N PRO B 315 29.87 -5.38 2.51
CA PRO B 315 29.21 -4.21 1.94
C PRO B 315 28.49 -3.41 3.02
N ASN B 316 28.33 -2.12 2.75
CA ASN B 316 27.64 -1.21 3.65
C ASN B 316 26.14 -1.39 3.45
N VAL B 317 25.52 -2.20 4.32
CA VAL B 317 24.08 -2.49 4.25
C VAL B 317 23.54 -2.20 5.65
N GLN B 318 23.01 -1.00 5.86
CA GLN B 318 22.79 -0.57 7.24
C GLN B 318 21.66 -1.34 7.92
N TYR B 319 20.66 -1.83 7.17
CA TYR B 319 19.61 -2.58 7.86
C TYR B 319 20.02 -3.99 8.25
N VAL B 320 21.25 -4.40 7.93
CA VAL B 320 21.80 -5.67 8.40
C VAL B 320 22.98 -5.43 9.35
N ASN B 321 23.26 -4.17 9.69
CA ASN B 321 24.29 -3.80 10.66
C ASN B 321 23.63 -3.63 12.01
N ARG B 322 23.67 -4.68 12.83
CA ARG B 322 23.01 -4.72 14.14
C ARG B 322 23.95 -5.40 15.12
N PRO B 323 24.70 -4.63 15.93
CA PRO B 323 25.74 -5.25 16.75
C PRO B 323 25.22 -6.07 17.92
N PHE B 324 24.01 -5.81 18.42
CA PHE B 324 23.46 -6.52 19.58
C PHE B 324 21.98 -6.77 19.38
N PRO B 325 21.64 -7.65 18.44
CA PRO B 325 20.22 -7.96 18.21
C PRO B 325 19.60 -8.67 19.40
N VAL B 326 18.30 -8.48 19.56
CA VAL B 326 17.53 -9.12 20.62
C VAL B 326 16.45 -10.03 20.05
N SER B 327 15.62 -9.51 19.15
CA SER B 327 14.53 -10.31 18.63
C SER B 327 15.03 -11.23 17.51
N GLU B 328 14.23 -12.26 17.22
CA GLU B 328 14.55 -13.14 16.10
C GLU B 328 14.70 -12.33 14.81
N HIS B 329 13.88 -11.29 14.64
CA HIS B 329 13.87 -10.53 13.40
C HIS B 329 15.14 -9.70 13.27
N GLU B 330 15.62 -9.14 14.37
CA GLU B 330 16.87 -8.42 14.36
C GLU B 330 18.05 -9.34 14.09
N ALA B 331 18.07 -10.52 14.72
CA ALA B 331 19.18 -11.43 14.52
C ALA B 331 19.24 -11.94 13.08
N ARG B 332 18.09 -12.11 12.43
CA ARG B 332 18.08 -12.48 11.02
C ARG B 332 18.67 -11.39 10.14
N HIS B 333 18.70 -10.15 10.63
CA HIS B 333 19.24 -9.00 9.92
C HIS B 333 20.49 -8.47 10.63
N SER B 334 21.42 -9.36 10.97
CA SER B 334 22.63 -8.98 11.72
C SER B 334 23.84 -9.75 11.19
N PHE B 335 24.68 -9.05 10.41
CA PHE B 335 25.99 -9.59 10.06
C PHE B 335 26.68 -10.18 11.29
N GLN B 336 26.65 -9.41 12.38
CA GLN B 336 27.45 -9.71 13.56
C GLN B 336 26.96 -10.97 14.25
N TYR B 337 25.65 -11.09 14.45
CA TYR B 337 25.16 -12.28 15.14
C TYR B 337 25.45 -13.54 14.33
N VAL B 338 25.25 -13.50 13.01
CA VAL B 338 25.52 -14.70 12.22
C VAL B 338 26.99 -15.08 12.29
N ALA B 339 27.90 -14.09 12.21
CA ALA B 339 29.31 -14.39 12.35
C ALA B 339 29.63 -15.04 13.69
N CYS B 340 29.14 -14.45 14.78
CA CYS B 340 29.53 -14.93 16.11
C CYS B 340 28.87 -16.26 16.44
N ALA B 341 27.62 -16.44 16.05
CA ALA B 341 26.98 -17.74 16.25
C ALA B 341 27.68 -18.84 15.46
N MET B 342 28.10 -18.54 14.23
CA MET B 342 28.84 -19.53 13.45
C MET B 342 30.18 -19.86 14.10
N LEU B 343 30.91 -18.85 14.56
CA LEU B 343 32.18 -19.10 15.24
C LEU B 343 31.98 -19.95 16.48
N LEU B 344 30.98 -19.60 17.30
CA LEU B 344 30.78 -20.30 18.56
C LEU B 344 30.23 -21.70 18.33
N ASP B 345 29.19 -21.83 17.52
CA ASP B 345 28.44 -23.07 17.40
C ASP B 345 28.94 -23.99 16.30
N GLY B 346 29.66 -23.47 15.31
CA GLY B 346 30.10 -24.28 14.20
C GLY B 346 29.06 -24.51 13.13
N GLY B 347 27.92 -23.87 13.24
CA GLY B 347 26.88 -23.96 12.24
C GLY B 347 25.81 -22.95 12.57
N ILE B 348 24.89 -22.78 11.63
CA ILE B 348 23.71 -21.95 11.82
C ILE B 348 22.51 -22.78 11.38
N THR B 349 21.51 -22.89 12.26
CA THR B 349 20.32 -23.70 12.05
C THR B 349 19.10 -22.87 12.40
N VAL B 350 17.92 -23.45 12.22
CA VAL B 350 16.69 -22.72 12.55
C VAL B 350 16.68 -22.29 14.01
N PRO B 351 17.04 -23.15 14.97
CA PRO B 351 17.05 -22.69 16.38
C PRO B 351 18.08 -21.63 16.71
N SER B 352 19.04 -21.35 15.81
CA SER B 352 19.99 -20.28 16.05
C SER B 352 19.32 -18.93 16.25
N PHE B 353 18.09 -18.76 15.76
CA PHE B 353 17.38 -17.49 15.82
C PHE B 353 16.27 -17.49 16.85
N HIS B 354 16.27 -18.47 17.76
CA HIS B 354 15.47 -18.37 18.97
C HIS B 354 16.07 -17.32 19.89
N GLU B 355 15.21 -16.58 20.60
CA GLU B 355 15.70 -15.51 21.47
C GLU B 355 16.68 -15.99 22.54
N GLN B 357 18.93 -18.20 22.20
CA GLN B 357 20.25 -18.42 21.57
C GLN B 357 20.89 -17.08 21.27
N ILE B 358 20.05 -16.14 20.84
CA ILE B 358 20.52 -14.83 20.45
C ILE B 358 21.13 -14.08 21.62
N ASN B 359 20.61 -14.28 22.83
CA ASN B 359 21.07 -13.51 23.98
C ASN B 359 22.05 -14.28 24.86
N ARG B 360 22.65 -15.35 24.36
CA ARG B 360 23.60 -16.10 25.17
C ARG B 360 24.75 -15.19 25.60
N PRO B 361 25.16 -15.22 26.87
CA PRO B 361 26.30 -14.41 27.30
C PRO B 361 27.55 -14.58 26.44
N GLN B 362 27.89 -15.82 26.04
CA GLN B 362 29.08 -16.02 25.23
C GLN B 362 28.95 -15.38 23.86
N VAL B 363 27.75 -15.42 23.29
CA VAL B 363 27.51 -14.72 22.03
C VAL B 363 27.74 -13.22 22.22
N ARG B 364 27.20 -12.66 23.30
CA ARG B 364 27.34 -11.22 23.52
C ARG B 364 28.79 -10.84 23.79
N GLU B 365 29.56 -11.73 24.42
CA GLU B 365 30.99 -11.52 24.59
C GLU B 365 31.70 -11.42 23.25
N LEU B 366 31.35 -12.31 22.32
CA LEU B 366 31.92 -12.22 20.97
C LEU B 366 31.42 -10.99 20.24
N LEU B 367 30.14 -10.66 20.36
CA LEU B 367 29.61 -9.49 19.66
C LEU B 367 30.35 -8.22 20.08
N SER B 368 30.82 -8.16 21.33
CA SER B 368 31.55 -6.99 21.82
C SER B 368 32.89 -6.81 21.12
N LYS B 369 33.36 -7.82 20.37
CA LYS B 369 34.67 -7.80 19.75
C LYS B 369 34.60 -7.58 18.24
N VAL B 370 33.42 -7.36 17.68
CA VAL B 370 33.25 -7.29 16.23
C VAL B 370 33.37 -5.84 15.76
N GLU B 371 34.13 -5.65 14.70
CA GLU B 371 34.26 -4.38 14.00
C GLU B 371 33.96 -4.61 12.52
N LEU B 372 33.22 -3.69 11.92
CA LEU B 372 32.91 -3.76 10.50
C LEU B 372 33.87 -2.88 9.71
N GLU B 373 34.28 -3.36 8.54
CA GLU B 373 35.04 -2.58 7.58
C GLU B 373 34.30 -2.64 6.25
N TYR B 374 34.43 -1.59 5.45
CA TYR B 374 33.70 -1.45 4.20
C TYR B 374 34.68 -1.30 3.05
N PRO B 375 35.19 -2.40 2.50
CA PRO B 375 36.11 -2.28 1.34
C PRO B 375 35.41 -1.62 0.18
N PRO B 376 36.09 -0.72 -0.54
CA PRO B 376 35.39 0.02 -1.61
C PRO B 376 34.88 -0.85 -2.74
N ASP B 377 35.49 -2.00 -3.00
CA ASP B 377 35.03 -2.84 -4.10
C ASP B 377 33.93 -3.80 -3.68
N ASN B 378 33.51 -3.75 -2.42
CA ASN B 378 32.51 -4.68 -1.90
C ASN B 378 31.14 -4.02 -2.04
N LEU B 379 30.61 -4.06 -3.26
CA LEU B 379 29.41 -3.29 -3.56
C LEU B 379 28.16 -4.03 -3.03
N PRO B 380 27.12 -3.26 -2.64
CA PRO B 380 25.96 -3.85 -1.93
C PRO B 380 24.96 -4.52 -2.88
N SER B 381 25.44 -5.49 -3.65
CA SER B 381 24.63 -6.24 -4.59
C SER B 381 24.87 -7.73 -4.39
N PHE B 382 23.79 -8.51 -4.39
CA PHE B 382 23.93 -9.96 -4.23
C PHE B 382 24.72 -10.58 -5.37
N ASN B 383 24.91 -9.87 -6.48
CA ASN B 383 25.69 -10.36 -7.60
C ASN B 383 27.16 -9.99 -7.50
N ILE B 384 27.57 -9.27 -6.46
CA ILE B 384 28.93 -8.74 -6.38
C ILE B 384 29.58 -8.94 -5.01
N LEU B 385 28.79 -8.85 -3.94
CA LEU B 385 29.37 -8.65 -2.62
C LEU B 385 30.09 -9.90 -2.13
N TYR B 386 30.93 -9.71 -1.12
CA TYR B 386 31.64 -10.79 -0.47
C TYR B 386 31.74 -10.49 1.02
N CYS B 387 32.16 -11.49 1.79
CA CYS B 387 32.53 -11.26 3.18
C CYS B 387 33.94 -11.78 3.41
N GLU B 388 34.80 -10.93 3.95
CA GLU B 388 36.10 -11.35 4.44
C GLU B 388 36.12 -11.16 5.95
N ILE B 389 36.43 -12.21 6.68
CA ILE B 389 36.48 -12.17 8.13
C ILE B 389 37.93 -12.32 8.57
N SER B 390 38.34 -11.52 9.54
CA SER B 390 39.67 -11.61 10.13
CA SER B 390 39.66 -11.62 10.14
C SER B 390 39.51 -11.76 11.64
N VAL B 391 40.05 -12.84 12.20
CA VAL B 391 39.99 -13.08 13.65
C VAL B 391 41.40 -12.92 14.20
N THR B 392 41.54 -12.00 15.15
CA THR B 392 42.81 -11.75 15.82
C THR B 392 42.74 -12.29 17.24
N LEU B 393 43.74 -13.08 17.61
CA LEU B 393 43.83 -13.67 18.93
C LEU B 393 44.64 -12.77 19.87
N LYS B 394 44.55 -13.05 21.17
CA LYS B 394 45.20 -12.17 22.12
C LYS B 394 46.72 -12.22 22.05
N ASP B 395 47.30 -13.24 21.39
CA ASP B 395 48.74 -13.26 21.14
C ASP B 395 49.12 -12.49 19.89
N GLY B 396 48.14 -11.89 19.20
CA GLY B 396 48.40 -11.12 18.00
C GLY B 396 48.28 -11.88 16.70
N ALA B 397 48.13 -13.20 16.74
CA ALA B 397 47.96 -13.96 15.51
C ALA B 397 46.61 -13.63 14.88
N THR B 398 46.60 -13.49 13.55
CA THR B 398 45.38 -13.18 12.82
C THR B 398 45.18 -14.18 11.68
N PHE B 399 43.95 -14.66 11.55
CA PHE B 399 43.55 -15.58 10.50
C PHE B 399 42.41 -14.94 9.71
N THR B 400 42.49 -15.04 8.38
CA THR B 400 41.58 -14.33 7.50
C THR B 400 41.00 -15.30 6.48
N ASP B 401 39.72 -15.12 6.17
CA ASP B 401 39.02 -15.98 5.22
C ASP B 401 38.05 -15.12 4.43
N ARG B 402 38.05 -15.26 3.11
CA ARG B 402 37.14 -14.50 2.25
C ARG B 402 36.27 -15.44 1.45
N SER B 403 34.95 -15.23 1.53
CA SER B 403 33.96 -15.96 0.76
C SER B 403 33.28 -15.01 -0.21
N ASP B 404 33.38 -15.32 -1.50
CA ASP B 404 32.67 -14.55 -2.52
C ASP B 404 31.35 -15.18 -2.92
N THR B 405 31.06 -16.39 -2.44
CA THR B 405 29.75 -17.01 -2.63
C THR B 405 29.53 -18.01 -1.49
N PHE B 406 28.40 -18.69 -1.55
CA PHE B 406 28.02 -19.69 -0.56
C PHE B 406 27.16 -20.71 -1.26
N TYR B 407 27.08 -21.91 -0.69
CA TYR B 407 26.26 -22.96 -1.27
C TYR B 407 24.78 -22.58 -1.13
N GLY B 408 24.08 -22.55 -2.26
CA GLY B 408 22.72 -22.06 -2.36
C GLY B 408 22.58 -20.81 -3.19
N HIS B 409 23.65 -20.02 -3.30
CA HIS B 409 23.68 -18.89 -4.20
C HIS B 409 23.53 -19.36 -5.64
N TRP B 410 23.12 -18.45 -6.54
CA TRP B 410 23.01 -18.86 -7.93
C TRP B 410 24.35 -19.29 -8.51
N ARG B 411 25.48 -18.82 -7.96
CA ARG B 411 26.77 -19.31 -8.45
C ARG B 411 27.05 -20.75 -8.04
N LYS B 412 26.43 -21.22 -6.96
CA LYS B 412 26.63 -22.57 -6.45
C LYS B 412 25.27 -23.11 -6.01
N PRO B 413 24.41 -23.42 -6.97
CA PRO B 413 23.02 -23.76 -6.63
C PRO B 413 22.89 -25.07 -5.88
N LEU B 414 21.88 -25.12 -5.00
CA LEU B 414 21.60 -26.36 -4.31
C LEU B 414 21.30 -27.47 -5.31
N SER B 415 21.80 -28.66 -5.03
CA SER B 415 21.36 -29.82 -5.78
C SER B 415 19.88 -30.08 -5.52
N GLN B 416 19.25 -30.80 -6.45
CA GLN B 416 17.89 -31.27 -6.23
C GLN B 416 17.79 -32.04 -4.92
N GLU B 417 18.76 -32.89 -4.63
CA GLU B 417 18.75 -33.70 -3.41
C GLU B 417 18.77 -32.81 -2.17
N ASP B 418 19.64 -31.80 -2.14
CA ASP B 418 19.72 -30.94 -0.97
C ASP B 418 18.50 -30.02 -0.87
N LEU B 419 17.94 -29.60 -2.01
CA LEU B 419 16.72 -28.82 -2.00
C LEU B 419 15.56 -29.62 -1.41
N GLU B 420 15.46 -30.91 -1.79
CA GLU B 420 14.42 -31.78 -1.26
C GLU B 420 14.64 -32.08 0.21
N GLU B 421 15.89 -32.22 0.63
CA GLU B 421 16.15 -32.47 2.05
C GLU B 421 15.80 -31.24 2.89
N LYS B 422 16.03 -30.03 2.36
CA LYS B 422 15.56 -28.84 3.06
C LYS B 422 14.05 -28.82 3.15
N PHE B 423 13.37 -29.15 2.05
CA PHE B 423 11.91 -29.21 2.07
C PHE B 423 11.42 -30.21 3.10
N ARG B 424 12.05 -31.39 3.17
CA ARG B 424 11.63 -32.40 4.14
C ARG B 424 11.76 -31.87 5.56
N ALA B 425 12.88 -31.22 5.86
CA ALA B 425 13.10 -30.69 7.20
C ALA B 425 12.06 -29.62 7.53
N ASN B 426 11.73 -28.76 6.55
CA ASN B 426 10.83 -27.64 6.79
C ASN B 426 9.39 -28.09 6.90
N ALA B 427 8.98 -29.07 6.09
CA ALA B 427 7.59 -29.47 6.00
C ALA B 427 7.20 -30.55 6.99
N SER B 428 8.16 -31.33 7.49
CA SER B 428 7.83 -32.43 8.38
CA SER B 428 7.83 -32.43 8.38
C SER B 428 7.35 -31.96 9.75
N LYS B 429 7.50 -30.68 10.08
CA LYS B 429 6.94 -30.17 11.32
C LYS B 429 5.43 -30.21 11.29
N MET B 430 4.82 -30.10 10.10
CA MET B 430 3.37 -29.95 9.99
C MET B 430 2.71 -30.96 9.07
N LEU B 431 3.46 -31.74 8.30
CA LEU B 431 2.89 -32.75 7.43
C LEU B 431 3.46 -34.12 7.73
N SER B 432 2.68 -35.15 7.40
CA SER B 432 3.12 -36.53 7.50
C SER B 432 4.16 -36.85 6.44
N TRP B 433 4.93 -37.91 6.69
CA TRP B 433 5.98 -38.34 5.77
C TRP B 433 5.43 -38.62 4.38
N ASP B 434 4.29 -39.31 4.28
CA ASP B 434 3.73 -39.66 2.98
C ASP B 434 3.31 -38.41 2.21
N THR B 435 2.73 -37.43 2.89
CA THR B 435 2.36 -36.19 2.21
C THR B 435 3.60 -35.44 1.74
N VAL B 436 4.64 -35.36 2.59
CA VAL B 436 5.88 -34.71 2.19
C VAL B 436 6.42 -35.35 0.92
N GLU B 437 6.49 -36.69 0.88
CA GLU B 437 7.07 -37.35 -0.28
C GLU B 437 6.17 -37.19 -1.50
N SER B 438 4.86 -37.21 -1.32
CA SER B 438 3.94 -36.98 -2.43
C SER B 438 4.11 -35.58 -3.02
N LEU B 439 4.28 -34.56 -2.17
CA LEU B 439 4.48 -33.22 -2.67
C LEU B 439 5.78 -33.11 -3.45
N ILE B 440 6.85 -33.73 -2.95
CA ILE B 440 8.12 -33.72 -3.70
C ILE B 440 7.90 -34.29 -5.10
N LYS B 441 7.22 -35.44 -5.17
CA LYS B 441 7.05 -36.11 -6.45
C LYS B 441 6.16 -35.30 -7.38
N ILE B 442 5.08 -34.72 -6.86
CA ILE B 442 4.19 -33.92 -7.71
C ILE B 442 4.92 -32.69 -8.24
N VAL B 443 5.61 -31.96 -7.37
CA VAL B 443 6.24 -30.72 -7.81
C VAL B 443 7.37 -31.03 -8.79
N LYS B 444 8.11 -32.12 -8.55
CA LYS B 444 9.22 -32.51 -9.43
C LYS B 444 8.74 -32.77 -10.86
N ASN B 445 7.50 -33.19 -11.02
CA ASN B 445 6.93 -33.54 -12.32
C ASN B 445 5.69 -32.68 -12.59
N LEU B 446 5.75 -31.42 -12.16
CA LEU B 446 4.54 -30.59 -12.15
C LEU B 446 3.98 -30.39 -13.55
N GLU B 447 4.84 -30.37 -14.59
CA GLU B 447 4.32 -30.17 -15.94
C GLU B 447 3.44 -31.33 -16.39
N ASP B 448 3.54 -32.50 -15.75
CA ASP B 448 2.71 -33.65 -16.06
C ASP B 448 1.40 -33.70 -15.27
N LEU B 449 1.22 -32.82 -14.28
CA LEU B 449 0.02 -32.86 -13.45
C LEU B 449 -1.17 -32.34 -14.26
N GLU B 450 -2.21 -33.16 -14.36
CA GLU B 450 -3.37 -32.77 -15.15
C GLU B 450 -4.36 -31.91 -14.36
N ASP B 451 -4.36 -32.00 -13.03
CA ASP B 451 -5.40 -31.36 -12.22
C ASP B 451 -4.75 -30.82 -10.97
N CYS B 452 -4.67 -29.49 -10.87
CA CYS B 452 -4.01 -28.87 -9.72
C CYS B 452 -4.71 -29.17 -8.41
N SER B 453 -5.96 -29.63 -8.44
CA SER B 453 -6.63 -29.95 -7.19
C SER B 453 -5.91 -31.07 -6.45
N VAL B 454 -5.16 -31.92 -7.16
CA VAL B 454 -4.36 -32.93 -6.49
C VAL B 454 -3.31 -32.26 -5.61
N LEU B 455 -2.73 -31.18 -6.10
CA LEU B 455 -1.72 -30.46 -5.34
C LEU B 455 -2.35 -29.69 -4.18
N THR B 456 -3.41 -28.93 -4.45
CA THR B 456 -3.97 -28.11 -3.38
C THR B 456 -4.60 -28.97 -2.29
N THR B 457 -5.11 -30.16 -2.63
CA THR B 457 -5.63 -31.05 -1.61
C THR B 457 -4.51 -31.56 -0.69
N LEU B 458 -3.35 -31.88 -1.25
CA LEU B 458 -2.24 -32.33 -0.42
C LEU B 458 -1.74 -31.22 0.49
N LEU B 459 -1.84 -29.96 0.06
CA LEU B 459 -1.30 -28.85 0.84
C LEU B 459 -2.08 -28.61 2.12
N LYS B 460 -3.31 -29.15 2.23
CA LYS B 460 -4.08 -29.00 3.46
C LYS B 460 -3.50 -29.87 4.58
N GLY B 461 -2.84 -30.97 4.22
CA GLY B 461 -2.39 -31.93 5.20
C GLY B 461 -3.53 -32.82 5.66
N PRO B 462 -3.22 -33.79 6.55
CA PRO B 462 -1.89 -33.99 7.12
C PRO B 462 -0.96 -34.72 6.15
#